data_8IDI
#
_entry.id   8IDI
#
_cell.length_a   238.549
_cell.length_b   46.835
_cell.length_c   95.946
_cell.angle_alpha   90.00
_cell.angle_beta   112.52
_cell.angle_gamma   90.00
#
_symmetry.space_group_name_H-M   'C 1 2 1'
#
loop_
_entity.id
_entity.type
_entity.pdbx_description
1 polymer VHH-T71
2 polymer 'Spike protein S1'
3 branched beta-D-mannopyranose-(1-4)-2-acetamido-2-deoxy-beta-D-glucopyranose-(1-4)-[alpha-D-mannopyranose-(1-3)][alpha-D-mannopyranose-(1-6)]2-acetamido-2-deoxy-beta-D-glucopyranose
4 water water
#
loop_
_entity_poly.entity_id
_entity_poly.type
_entity_poly.pdbx_seq_one_letter_code
_entity_poly.pdbx_strand_id
1 'polypeptide(L)'
;SQVQLQESGGGSVQAGGSLTLSCTFSSEYTFTHNAVGWFRQAPGKEREGVAAINGGGGSTYYADSVKDRFTISRDNANTV
ASLIMKNLKPEDSGIYYCATDVRLIDWYSGDWSLARLYSTWGQGTQVTVSSHHHHHH
;
A,C
2 'polypeptide(L)'
;EAKPSGSVVEQAEGVECDFSPLLSGTPPQVYNFKRLVFTNCNYNLTKLLSLFSVNDFTCSQISPAAIASNCYSSLILDYF
SYPLSMKSDLSVSSAGPISQFNYKQSFSNPTCLILATVPHNLTTITKPLKYSYINKCSRLLSDDRTEVPQLVNANQYSPC
VSIVPSTVWEDGDYYRKQLSPLEGGGWLVASGSTVAMTEQLQMGFGITVQYGTDTNSVCPKLEHHHHHH
;
B,D
#
loop_
_chem_comp.id
_chem_comp.type
_chem_comp.name
_chem_comp.formula
BMA D-saccharide, beta linking beta-D-mannopyranose 'C6 H12 O6'
MAN D-saccharide, alpha linking alpha-D-mannopyranose 'C6 H12 O6'
NAG D-saccharide, beta linking 2-acetamido-2-deoxy-beta-D-glucopyranose 'C8 H15 N O6'
#
# COMPACT_ATOMS: atom_id res chain seq x y z
N VAL A 3 -21.36 30.49 -33.09
CA VAL A 3 -21.33 30.01 -31.72
C VAL A 3 -21.46 28.48 -31.71
N GLN A 4 -22.14 27.95 -30.70
CA GLN A 4 -22.18 26.50 -30.52
C GLN A 4 -23.49 26.03 -29.92
N LEU A 5 -24.05 26.78 -28.96
CA LEU A 5 -25.32 26.46 -28.33
C LEU A 5 -26.31 27.59 -28.56
N GLN A 6 -27.52 27.25 -28.97
CA GLN A 6 -28.56 28.25 -29.18
C GLN A 6 -29.88 27.78 -28.59
N GLU A 7 -30.39 28.54 -27.62
CA GLU A 7 -31.72 28.31 -27.06
C GLU A 7 -32.77 28.95 -27.94
N SER A 8 -33.92 28.28 -28.05
CA SER A 8 -35.08 28.85 -28.71
C SER A 8 -36.34 28.38 -28.00
N GLY A 9 -37.45 29.02 -28.33
CA GLY A 9 -38.74 28.56 -27.85
C GLY A 9 -39.30 29.30 -26.66
N GLY A 10 -38.58 30.25 -26.11
CA GLY A 10 -39.10 30.99 -25.00
C GLY A 10 -40.18 31.97 -25.46
N GLY A 11 -40.86 32.56 -24.54
CA GLY A 11 -41.87 33.54 -24.84
C GLY A 11 -42.70 33.87 -23.64
N SER A 12 -43.79 34.56 -23.86
CA SER A 12 -44.70 34.89 -22.82
C SER A 12 -45.89 33.93 -22.81
N VAL A 13 -46.34 33.56 -21.62
CA VAL A 13 -47.41 32.67 -21.44
C VAL A 13 -48.22 32.91 -20.16
N GLN A 14 -49.50 32.61 -20.16
CA GLN A 14 -50.31 32.73 -18.96
C GLN A 14 -50.01 31.61 -17.99
N ALA A 15 -50.12 31.91 -16.69
CA ALA A 15 -49.94 30.88 -15.67
C ALA A 15 -50.80 29.66 -15.99
N GLY A 16 -50.22 28.48 -15.84
CA GLY A 16 -50.86 27.23 -16.21
C GLY A 16 -50.61 26.79 -17.63
N GLY A 17 -50.04 27.65 -18.48
CA GLY A 17 -49.76 27.31 -19.86
C GLY A 17 -48.47 26.51 -19.99
N SER A 18 -48.06 26.32 -21.24
CA SER A 18 -46.92 25.47 -21.53
C SER A 18 -45.99 26.15 -22.53
N LEU A 19 -44.71 25.76 -22.48
CA LEU A 19 -43.73 26.16 -23.48
C LEU A 19 -42.75 25.01 -23.69
N THR A 20 -42.23 24.89 -24.91
CA THR A 20 -41.19 23.91 -25.20
C THR A 20 -39.94 24.65 -25.64
N LEU A 21 -38.86 24.49 -24.88
CA LEU A 21 -37.58 25.09 -25.23
C LEU A 21 -36.75 24.08 -26.01
N SER A 22 -35.93 24.59 -26.93
CA SER A 22 -35.02 23.78 -27.71
C SER A 22 -33.60 24.28 -27.54
N CYS A 23 -32.66 23.36 -27.30
CA CYS A 23 -31.23 23.65 -27.26
C CYS A 23 -30.61 22.99 -28.50
N THR A 24 -30.30 23.79 -29.50
CA THR A 24 -29.83 23.26 -30.78
C THR A 24 -28.32 23.41 -30.90
N PHE A 25 -27.64 22.30 -31.17
CA PHE A 25 -26.19 22.34 -31.35
C PHE A 25 -25.86 22.77 -32.77
N SER A 26 -24.78 23.54 -32.90
CA SER A 26 -24.20 23.81 -34.20
C SER A 26 -24.04 22.52 -35.00
N SER A 27 -24.12 22.65 -36.33
CA SER A 27 -24.20 21.48 -37.20
C SER A 27 -23.02 20.55 -37.04
N GLU A 28 -21.89 21.03 -36.52
CA GLU A 28 -20.74 20.16 -36.40
C GLU A 28 -20.63 19.48 -35.03
N TYR A 29 -21.44 19.86 -34.05
CA TYR A 29 -21.27 19.40 -32.68
C TYR A 29 -22.38 18.44 -32.27
N THR A 30 -22.10 17.67 -31.21
CA THR A 30 -23.04 16.72 -30.65
C THR A 30 -22.78 16.60 -29.16
N PHE A 31 -23.77 16.12 -28.42
CA PHE A 31 -23.53 15.73 -27.03
C PHE A 31 -23.63 14.21 -26.86
N THR A 32 -23.36 13.47 -27.95
CA THR A 32 -23.44 12.01 -27.91
C THR A 32 -22.60 11.43 -26.78
N HIS A 33 -21.43 11.99 -26.52
CA HIS A 33 -20.56 11.47 -25.47
C HIS A 33 -20.50 12.40 -24.26
N ASN A 34 -21.45 13.30 -24.12
CA ASN A 34 -21.44 14.19 -22.98
C ASN A 34 -22.88 14.40 -22.50
N ALA A 35 -23.25 15.63 -22.18
CA ALA A 35 -24.58 15.87 -21.60
C ALA A 35 -24.99 17.31 -21.83
N VAL A 36 -26.28 17.56 -21.63
CA VAL A 36 -26.87 18.89 -21.69
C VAL A 36 -27.65 19.13 -20.41
N GLY A 37 -27.41 20.27 -19.78
CA GLY A 37 -28.22 20.74 -18.66
C GLY A 37 -29.01 21.98 -19.07
N TRP A 38 -30.24 22.05 -18.60
CA TRP A 38 -31.05 23.26 -18.71
C TRP A 38 -31.02 23.99 -17.37
N PHE A 39 -30.68 25.27 -17.41
CA PHE A 39 -30.60 26.14 -16.24
C PHE A 39 -31.54 27.32 -16.42
N ARG A 40 -31.80 28.04 -15.33
CA ARG A 40 -32.57 29.27 -15.43
C ARG A 40 -32.08 30.26 -14.40
N GLN A 41 -32.28 31.54 -14.72
CA GLN A 41 -31.78 32.65 -13.91
C GLN A 41 -32.93 33.63 -13.69
N ALA A 42 -33.24 33.89 -12.42
CA ALA A 42 -34.26 34.87 -12.05
C ALA A 42 -33.65 36.02 -11.28
N PRO A 43 -34.22 37.22 -11.36
CA PRO A 43 -33.67 38.37 -10.62
C PRO A 43 -33.46 38.08 -9.14
N GLY A 44 -32.25 38.36 -8.67
CA GLY A 44 -31.96 38.21 -7.25
C GLY A 44 -31.75 36.79 -6.79
N LYS A 45 -31.71 35.82 -7.70
CA LYS A 45 -31.47 34.43 -7.35
C LYS A 45 -30.26 33.91 -8.11
N GLU A 46 -29.65 32.85 -7.58
CA GLU A 46 -28.56 32.19 -8.26
C GLU A 46 -29.09 31.33 -9.41
N ARG A 47 -28.25 31.13 -10.42
CA ARG A 47 -28.64 30.29 -11.55
C ARG A 47 -28.95 28.87 -11.08
N GLU A 48 -30.06 28.32 -11.58
CA GLU A 48 -30.64 27.11 -11.03
C GLU A 48 -30.77 26.07 -12.14
N GLY A 49 -30.16 24.90 -11.93
CA GLY A 49 -30.40 23.78 -12.83
C GLY A 49 -31.80 23.24 -12.66
N VAL A 50 -32.49 22.99 -13.77
CA VAL A 50 -33.84 22.46 -13.75
C VAL A 50 -33.92 21.05 -14.30
N ALA A 51 -33.12 20.72 -15.32
CA ALA A 51 -33.12 19.37 -15.88
C ALA A 51 -31.82 19.13 -16.66
N ALA A 52 -31.48 17.86 -16.84
CA ALA A 52 -30.32 17.50 -17.64
C ALA A 52 -30.49 16.09 -18.19
N ILE A 53 -29.76 15.82 -19.27
CA ILE A 53 -29.85 14.55 -19.98
C ILE A 53 -28.51 14.30 -20.66
N ASN A 54 -28.13 13.04 -20.76
CA ASN A 54 -26.87 12.70 -21.40
C ASN A 54 -27.09 12.22 -22.83
N GLY A 55 -26.01 12.23 -23.62
CA GLY A 55 -26.06 11.61 -24.93
C GLY A 55 -26.54 10.19 -24.80
N GLY A 56 -27.45 9.78 -25.67
CA GLY A 56 -28.06 8.47 -25.58
C GLY A 56 -29.24 8.39 -24.62
N GLY A 57 -29.40 9.38 -23.75
CA GLY A 57 -30.60 9.47 -22.93
C GLY A 57 -30.71 8.46 -21.81
N GLY A 58 -29.61 7.78 -21.46
CA GLY A 58 -29.66 6.79 -20.39
C GLY A 58 -29.90 7.40 -19.02
N SER A 59 -29.49 8.64 -18.82
CA SER A 59 -29.61 9.32 -17.52
C SER A 59 -30.34 10.63 -17.71
N THR A 60 -31.41 10.86 -16.93
CA THR A 60 -32.12 12.12 -16.92
C THR A 60 -32.30 12.57 -15.47
N TYR A 61 -32.14 13.87 -15.22
CA TYR A 61 -32.29 14.43 -13.88
C TYR A 61 -33.22 15.63 -13.90
N TYR A 62 -33.93 15.83 -12.78
CA TYR A 62 -34.85 16.96 -12.65
C TYR A 62 -34.72 17.58 -11.27
N ALA A 63 -34.80 18.92 -11.21
CA ALA A 63 -34.95 19.60 -9.93
C ALA A 63 -36.30 19.26 -9.31
N ASP A 64 -36.31 19.15 -7.98
CA ASP A 64 -37.57 18.91 -7.27
C ASP A 64 -38.62 19.95 -7.61
N SER A 65 -38.21 21.20 -7.79
CA SER A 65 -39.18 22.27 -8.07
C SER A 65 -39.90 22.09 -9.40
N VAL A 66 -39.39 21.26 -10.31
CA VAL A 66 -40.00 21.13 -11.62
C VAL A 66 -40.44 19.72 -11.94
N LYS A 67 -40.16 18.75 -11.07
CA LYS A 67 -40.54 17.38 -11.39
C LYS A 67 -42.06 17.29 -11.53
N ASP A 68 -42.50 16.44 -12.45
CA ASP A 68 -43.90 16.24 -12.83
C ASP A 68 -44.47 17.39 -13.65
N ARG A 69 -43.70 18.44 -13.92
CA ARG A 69 -44.13 19.50 -14.82
C ARG A 69 -43.23 19.67 -16.03
N PHE A 70 -41.93 19.36 -15.91
CA PHE A 70 -40.94 19.51 -16.96
C PHE A 70 -40.51 18.13 -17.46
N THR A 71 -40.20 18.07 -18.74
CA THR A 71 -39.70 16.85 -19.38
C THR A 71 -38.58 17.25 -20.31
N ILE A 72 -37.41 16.61 -20.16
CA ILE A 72 -36.27 16.87 -21.02
C ILE A 72 -36.12 15.69 -21.96
N SER A 73 -35.71 15.97 -23.20
CA SER A 73 -35.59 14.91 -24.19
C SER A 73 -34.49 15.26 -25.17
N ARG A 74 -34.19 14.30 -26.04
CA ARG A 74 -33.12 14.45 -27.03
C ARG A 74 -33.61 13.90 -28.35
N ASP A 75 -32.98 14.33 -29.43
CA ASP A 75 -33.14 13.63 -30.69
C ASP A 75 -32.17 12.46 -30.74
N ASN A 76 -32.40 11.56 -31.71
CA ASN A 76 -31.57 10.37 -31.79
C ASN A 76 -30.10 10.72 -31.98
N ALA A 77 -29.82 11.80 -32.69
CA ALA A 77 -28.45 12.19 -33.02
C ALA A 77 -27.75 12.98 -31.92
N ASN A 78 -28.44 13.34 -30.83
CA ASN A 78 -27.85 14.14 -29.75
C ASN A 78 -27.35 15.48 -30.27
N THR A 79 -28.22 16.16 -31.00
CA THR A 79 -27.96 17.50 -31.49
C THR A 79 -28.99 18.53 -31.00
N VAL A 80 -30.12 18.08 -30.47
CA VAL A 80 -31.14 18.95 -29.90
C VAL A 80 -31.57 18.37 -28.56
N ALA A 81 -31.54 19.20 -27.51
CA ALA A 81 -32.13 18.85 -26.22
C ALA A 81 -33.36 19.73 -26.00
N SER A 82 -34.51 19.11 -25.79
CA SER A 82 -35.77 19.82 -25.65
C SER A 82 -36.24 19.78 -24.20
N LEU A 83 -36.96 20.83 -23.80
CA LEU A 83 -37.53 20.94 -22.45
C LEU A 83 -38.99 21.32 -22.60
N ILE A 84 -39.88 20.36 -22.38
CA ILE A 84 -41.32 20.62 -22.38
C ILE A 84 -41.73 21.03 -20.97
N MET A 85 -42.20 22.26 -20.83
CA MET A 85 -42.60 22.80 -19.54
C MET A 85 -44.12 22.96 -19.53
N LYS A 86 -44.78 22.31 -18.58
CA LYS A 86 -46.23 22.42 -18.45
C LYS A 86 -46.58 23.00 -17.09
N ASN A 87 -47.82 23.48 -17.00
CA ASN A 87 -48.37 24.10 -15.78
C ASN A 87 -47.42 25.17 -15.22
N LEU A 88 -47.03 26.09 -16.07
CA LEU A 88 -46.03 27.10 -15.70
C LEU A 88 -46.58 28.04 -14.63
N LYS A 89 -45.68 28.48 -13.75
CA LYS A 89 -45.98 29.37 -12.65
C LYS A 89 -45.23 30.67 -12.83
N PRO A 90 -45.69 31.77 -12.22
CA PRO A 90 -44.94 33.04 -12.32
C PRO A 90 -43.48 32.93 -11.90
N GLU A 91 -43.19 32.12 -10.88
CA GLU A 91 -41.81 31.96 -10.42
C GLU A 91 -40.95 31.11 -11.36
N ASP A 92 -41.54 30.52 -12.42
CA ASP A 92 -40.77 29.89 -13.48
C ASP A 92 -40.25 30.89 -14.50
N SER A 93 -40.65 32.16 -14.41
CA SER A 93 -40.10 33.17 -15.30
C SER A 93 -38.60 33.28 -15.10
N GLY A 94 -37.87 33.50 -16.19
CA GLY A 94 -36.44 33.65 -16.09
C GLY A 94 -35.82 33.63 -17.47
N ILE A 95 -34.51 33.81 -17.49
CA ILE A 95 -33.72 33.51 -18.69
C ILE A 95 -33.26 32.07 -18.54
N TYR A 96 -33.58 31.25 -19.54
CA TYR A 96 -33.25 29.83 -19.52
C TYR A 96 -32.05 29.61 -20.44
N TYR A 97 -31.05 28.88 -19.92
CA TYR A 97 -29.81 28.59 -20.62
C TYR A 97 -29.65 27.09 -20.77
N CYS A 98 -29.10 26.64 -21.89
CA CYS A 98 -28.59 25.28 -21.94
C CYS A 98 -27.06 25.32 -21.93
N ALA A 99 -26.49 24.22 -21.48
CA ALA A 99 -25.05 24.14 -21.24
C ALA A 99 -24.58 22.73 -21.55
N THR A 100 -23.33 22.61 -21.96
CA THR A 100 -22.81 21.29 -22.29
C THR A 100 -21.33 21.29 -21.93
N ASP A 101 -20.59 20.31 -22.46
CA ASP A 101 -19.18 20.10 -22.13
C ASP A 101 -18.99 20.05 -20.62
N VAL A 102 -19.70 19.13 -20.01
CA VAL A 102 -19.71 18.99 -18.56
C VAL A 102 -18.64 18.00 -18.12
N ARG A 103 -18.18 18.15 -16.88
CA ARG A 103 -17.30 17.16 -16.24
C ARG A 103 -18.13 15.94 -15.91
N LEU A 104 -18.01 14.88 -16.72
CA LEU A 104 -19.03 13.84 -16.73
C LEU A 104 -19.07 13.04 -15.44
N ILE A 105 -17.91 12.73 -14.84
CA ILE A 105 -17.95 11.87 -13.67
C ILE A 105 -18.76 12.52 -12.55
N ASP A 106 -18.58 13.83 -12.35
CA ASP A 106 -19.35 14.53 -11.31
C ASP A 106 -20.81 14.66 -11.70
N TRP A 107 -21.08 14.85 -13.00
CA TRP A 107 -22.46 14.91 -13.50
C TRP A 107 -23.22 13.65 -13.15
N TYR A 108 -22.59 12.48 -13.35
CA TYR A 108 -23.24 11.20 -13.04
C TYR A 108 -23.35 10.94 -11.54
N SER A 109 -22.63 11.71 -10.72
CA SER A 109 -22.45 11.40 -9.31
C SER A 109 -23.21 12.37 -8.39
N GLY A 110 -24.32 12.92 -8.86
CA GLY A 110 -25.14 13.79 -8.04
C GLY A 110 -24.96 15.28 -8.25
N ASP A 111 -24.00 15.70 -9.07
CA ASP A 111 -23.71 17.12 -9.23
C ASP A 111 -24.19 17.66 -10.58
N TRP A 112 -25.23 17.06 -11.16
CA TRP A 112 -25.72 17.50 -12.47
C TRP A 112 -26.12 18.96 -12.47
N SER A 113 -26.58 19.50 -11.33
CA SER A 113 -27.10 20.86 -11.28
C SER A 113 -26.05 21.91 -10.95
N LEU A 114 -24.79 21.51 -10.80
CA LEU A 114 -23.71 22.45 -10.49
C LEU A 114 -23.28 23.15 -11.76
N ALA A 115 -23.63 24.43 -11.90
CA ALA A 115 -23.34 25.17 -13.11
C ALA A 115 -21.84 25.21 -13.41
N ARG A 116 -20.99 25.25 -12.37
CA ARG A 116 -19.56 25.39 -12.61
C ARG A 116 -18.96 24.19 -13.35
N LEU A 117 -19.64 23.05 -13.34
CA LEU A 117 -19.14 21.88 -14.05
C LEU A 117 -19.26 22.00 -15.57
N TYR A 118 -20.06 22.94 -16.08
CA TYR A 118 -20.33 23.06 -17.51
C TYR A 118 -19.47 24.16 -18.11
N SER A 119 -18.72 23.84 -19.18
CA SER A 119 -17.81 24.80 -19.76
C SER A 119 -18.42 25.62 -20.90
N THR A 120 -19.54 25.18 -21.47
CA THR A 120 -20.08 25.79 -22.68
C THR A 120 -21.54 26.14 -22.46
N TRP A 121 -21.88 27.41 -22.69
CA TRP A 121 -23.19 27.94 -22.36
C TRP A 121 -23.79 28.67 -23.57
N GLY A 122 -25.08 28.48 -23.78
CA GLY A 122 -25.80 29.26 -24.75
C GLY A 122 -26.06 30.66 -24.23
N GLN A 123 -26.67 31.47 -25.10
CA GLN A 123 -26.94 32.87 -24.77
C GLN A 123 -28.26 33.06 -24.03
N GLY A 124 -29.13 32.06 -24.02
CA GLY A 124 -30.32 32.12 -23.19
C GLY A 124 -31.54 32.56 -23.97
N THR A 125 -32.71 32.17 -23.46
CA THR A 125 -33.99 32.56 -24.05
C THR A 125 -34.92 33.00 -22.92
N GLN A 126 -35.83 33.94 -23.22
CA GLN A 126 -36.66 34.54 -22.19
C GLN A 126 -37.95 33.76 -22.01
N VAL A 127 -38.28 33.46 -20.76
CA VAL A 127 -39.54 32.81 -20.39
C VAL A 127 -40.27 33.77 -19.44
N THR A 128 -41.49 34.17 -19.83
CA THR A 128 -42.26 35.19 -19.12
C THR A 128 -43.62 34.60 -18.79
N VAL A 129 -43.84 34.24 -17.52
CA VAL A 129 -45.11 33.66 -17.09
C VAL A 129 -45.88 34.70 -16.30
N SER A 130 -47.12 34.94 -16.69
CA SER A 130 -47.96 35.99 -16.10
C SER A 130 -49.17 35.38 -15.43
N SER A 131 -49.41 35.76 -14.17
CA SER A 131 -50.54 35.25 -13.37
C SER A 131 -51.87 35.44 -14.09
N VAL B 15 -5.41 -8.88 19.22
CA VAL B 15 -4.03 -9.11 19.69
C VAL B 15 -3.09 -8.13 18.99
N GLU B 16 -2.23 -7.45 19.74
CA GLU B 16 -1.28 -6.52 19.15
C GLU B 16 0.01 -7.25 18.82
N CYS B 17 0.51 -7.07 17.59
CA CYS B 17 1.76 -7.70 17.21
C CYS B 17 2.85 -7.23 18.16
N ASP B 18 3.66 -8.19 18.62
CA ASP B 18 4.66 -7.94 19.66
C ASP B 18 6.04 -7.88 19.01
N PHE B 19 6.58 -6.67 18.88
CA PHE B 19 7.92 -6.44 18.35
C PHE B 19 9.01 -6.56 19.43
N SER B 20 8.64 -6.93 20.66
CA SER B 20 9.62 -6.97 21.74
C SER B 20 10.86 -7.84 21.51
N PRO B 21 10.81 -8.98 20.79
CA PRO B 21 12.04 -9.79 20.69
C PRO B 21 13.22 -9.01 20.14
N LEU B 22 12.96 -8.01 19.28
CA LEU B 22 14.03 -7.18 18.74
C LEU B 22 14.76 -6.39 19.84
N LEU B 23 14.08 -6.11 20.94
CA LEU B 23 14.64 -5.31 22.02
C LEU B 23 15.41 -6.15 23.04
N SER B 24 15.55 -7.45 22.82
CA SER B 24 16.03 -8.37 23.85
C SER B 24 17.12 -9.27 23.27
N GLY B 25 18.38 -9.02 23.62
CA GLY B 25 19.50 -9.85 23.23
C GLY B 25 20.42 -9.14 22.26
N THR B 26 21.50 -9.82 21.90
CA THR B 26 22.47 -9.29 20.95
C THR B 26 22.00 -9.52 19.52
N PRO B 27 21.76 -8.49 18.73
CA PRO B 27 21.27 -8.72 17.36
C PRO B 27 22.31 -9.46 16.55
N PRO B 28 21.89 -10.45 15.76
CA PRO B 28 22.83 -11.21 14.94
C PRO B 28 23.43 -10.35 13.83
N GLN B 29 24.51 -10.88 13.23
CA GLN B 29 25.08 -10.22 12.08
C GLN B 29 24.18 -10.42 10.86
N VAL B 30 24.44 -9.63 9.81
CA VAL B 30 23.49 -9.51 8.71
C VAL B 30 23.26 -10.87 8.03
N TYR B 31 24.31 -11.69 7.86
CA TYR B 31 24.13 -13.00 7.22
C TYR B 31 23.42 -14.01 8.13
N ASN B 32 23.18 -13.66 9.39
CA ASN B 32 22.40 -14.48 10.32
C ASN B 32 21.13 -13.75 10.75
N PHE B 33 20.54 -12.96 9.86
CA PHE B 33 19.41 -12.11 10.23
C PHE B 33 18.33 -12.91 10.94
N LYS B 34 17.77 -12.32 11.99
CA LYS B 34 16.66 -12.92 12.71
C LYS B 34 15.35 -12.46 12.08
N ARG B 35 14.45 -13.41 11.81
CA ARG B 35 13.18 -13.12 11.15
C ARG B 35 12.01 -13.31 12.12
N LEU B 36 11.16 -12.28 12.21
CA LEU B 36 9.90 -12.33 12.95
C LEU B 36 8.76 -12.28 11.94
N VAL B 37 7.79 -13.17 12.07
CA VAL B 37 6.68 -13.31 11.13
C VAL B 37 5.39 -13.04 11.89
N PHE B 38 4.58 -12.12 11.38
CA PHE B 38 3.36 -11.72 12.06
C PHE B 38 2.17 -12.03 11.18
N THR B 39 1.16 -12.68 11.76
CA THR B 39 -0.12 -12.93 11.14
C THR B 39 -1.20 -12.68 12.18
N ASN B 40 -2.36 -12.23 11.73
CA ASN B 40 -3.55 -12.10 12.58
C ASN B 40 -3.27 -11.29 13.85
N CYS B 41 -2.75 -10.08 13.67
CA CYS B 41 -2.52 -9.19 14.80
C CYS B 41 -2.54 -7.76 14.29
N ASN B 42 -2.68 -6.81 15.20
CA ASN B 42 -2.63 -5.38 14.88
C ASN B 42 -1.29 -4.81 15.30
N TYR B 43 -0.68 -4.01 14.42
CA TYR B 43 0.67 -3.51 14.65
C TYR B 43 0.65 -2.00 14.89
N ASN B 44 1.65 -1.53 15.63
CA ASN B 44 1.88 -0.11 15.84
C ASN B 44 3.35 0.09 15.50
N LEU B 45 3.61 0.45 14.24
CA LEU B 45 4.99 0.62 13.80
C LEU B 45 5.61 1.88 14.40
N THR B 46 4.80 2.93 14.58
CA THR B 46 5.26 4.13 15.27
C THR B 46 5.86 3.80 16.64
N LYS B 47 5.23 2.89 17.38
CA LYS B 47 5.73 2.60 18.72
C LYS B 47 7.12 1.96 18.66
N LEU B 48 7.32 1.01 17.73
CA LEU B 48 8.63 0.39 17.59
C LEU B 48 9.67 1.43 17.17
N LEU B 49 9.38 2.20 16.12
CA LEU B 49 10.40 3.08 15.56
C LEU B 49 10.71 4.26 16.48
N SER B 50 9.73 4.68 17.30
CA SER B 50 10.00 5.77 18.21
C SER B 50 11.04 5.43 19.28
N LEU B 51 11.38 4.15 19.47
CA LEU B 51 12.41 3.80 20.45
C LEU B 51 13.83 4.00 19.91
N PHE B 52 13.98 4.25 18.61
CA PHE B 52 15.28 4.30 17.95
C PHE B 52 15.49 5.66 17.31
N SER B 53 16.75 5.98 17.01
CA SER B 53 17.05 7.08 16.10
C SER B 53 17.08 6.49 14.70
N VAL B 54 16.08 6.84 13.88
CA VAL B 54 15.95 6.27 12.55
C VAL B 54 16.79 7.14 11.61
N ASN B 55 17.84 6.56 11.04
CA ASN B 55 18.71 7.30 10.13
C ASN B 55 18.27 7.20 8.68
N ASP B 56 17.73 6.05 8.27
CA ASP B 56 17.32 5.86 6.90
C ASP B 56 16.11 4.94 6.87
N PHE B 57 15.15 5.26 6.00
CA PHE B 57 13.88 4.55 5.93
C PHE B 57 13.45 4.64 4.46
N THR B 58 13.66 3.57 3.71
CA THR B 58 13.36 3.56 2.28
C THR B 58 12.62 2.28 1.92
N CYS B 59 11.75 2.38 0.92
CA CYS B 59 10.86 1.28 0.59
C CYS B 59 10.80 1.09 -0.92
N SER B 60 10.38 -0.10 -1.32
CA SER B 60 10.21 -0.46 -2.72
C SER B 60 8.82 -1.02 -2.91
N GLN B 61 8.08 -0.47 -3.87
CA GLN B 61 6.69 -0.84 -4.15
C GLN B 61 5.75 -0.53 -2.98
N ILE B 62 6.16 0.38 -2.10
CA ILE B 62 5.35 0.89 -1.02
C ILE B 62 6.12 2.09 -0.49
N SER B 63 5.62 2.77 0.53
CA SER B 63 6.25 3.96 1.08
C SER B 63 6.30 3.84 2.59
N PRO B 64 7.18 4.59 3.25
CA PRO B 64 7.16 4.63 4.72
C PRO B 64 5.81 5.02 5.29
N ALA B 65 5.09 5.96 4.67
CA ALA B 65 3.76 6.30 5.16
C ALA B 65 2.78 5.15 4.95
N ALA B 66 2.85 4.46 3.81
CA ALA B 66 1.89 3.40 3.54
C ALA B 66 2.20 2.13 4.33
N ILE B 67 3.48 1.83 4.57
CA ILE B 67 3.80 0.59 5.27
C ILE B 67 3.22 0.61 6.67
N ALA B 68 3.06 1.79 7.27
CA ALA B 68 2.52 1.90 8.61
C ALA B 68 1.00 1.89 8.66
N SER B 69 0.30 1.78 7.53
CA SER B 69 -1.14 1.99 7.57
C SER B 69 -1.99 1.01 6.77
N ASN B 70 -1.40 0.00 6.12
CA ASN B 70 -2.18 -0.93 5.31
C ASN B 70 -2.41 -2.26 6.04
N CYS B 71 -3.38 -3.02 5.54
CA CYS B 71 -3.69 -4.35 6.07
C CYS B 71 -3.07 -5.40 5.17
N TYR B 72 -2.32 -6.32 5.77
CA TYR B 72 -1.57 -7.35 5.08
C TYR B 72 -2.04 -8.73 5.50
N SER B 73 -1.74 -9.71 4.65
CA SER B 73 -1.87 -11.11 5.05
C SER B 73 -0.69 -11.57 5.90
N SER B 74 0.46 -10.92 5.79
CA SER B 74 1.56 -11.21 6.69
C SER B 74 2.53 -10.05 6.65
N LEU B 75 3.23 -9.85 7.76
CA LEU B 75 4.29 -8.85 7.84
C LEU B 75 5.49 -9.56 8.42
N ILE B 76 6.62 -9.49 7.71
CA ILE B 76 7.87 -10.10 8.13
C ILE B 76 8.83 -8.99 8.51
N LEU B 77 9.44 -9.11 9.70
CA LEU B 77 10.43 -8.14 10.17
C LEU B 77 11.76 -8.86 10.39
N ASP B 78 12.77 -8.53 9.58
CA ASP B 78 14.12 -9.06 9.75
C ASP B 78 14.95 -8.03 10.52
N TYR B 79 15.83 -8.48 11.41
CA TYR B 79 16.70 -7.50 12.05
C TYR B 79 18.07 -8.08 12.33
N PHE B 80 19.05 -7.18 12.44
CA PHE B 80 20.45 -7.55 12.53
C PHE B 80 21.27 -6.34 12.88
N SER B 81 22.46 -6.58 13.44
CA SER B 81 23.46 -5.54 13.61
C SER B 81 23.97 -5.13 12.25
N TYR B 82 24.14 -3.82 12.02
CA TYR B 82 24.58 -3.35 10.70
C TYR B 82 25.14 -1.95 10.78
N PRO B 83 26.36 -1.70 10.30
CA PRO B 83 26.91 -0.35 10.42
C PRO B 83 26.31 0.59 9.38
N LEU B 84 25.96 1.79 9.86
CA LEU B 84 25.42 2.83 8.97
C LEU B 84 26.35 3.10 7.80
N SER B 85 27.66 2.98 8.03
CA SER B 85 28.66 3.27 7.02
C SER B 85 28.51 2.41 5.77
N MET B 86 27.82 1.26 5.88
CA MET B 86 27.58 0.37 4.76
C MET B 86 26.18 0.53 4.15
N LYS B 87 25.54 1.69 4.34
CA LYS B 87 24.23 1.94 3.76
C LYS B 87 24.12 1.49 2.30
N SER B 88 25.12 1.85 1.48
CA SER B 88 24.97 1.66 0.05
C SER B 88 25.01 0.20 -0.35
N ASP B 89 25.63 -0.66 0.48
CA ASP B 89 25.75 -2.07 0.13
C ASP B 89 24.42 -2.82 0.23
N LEU B 90 23.44 -2.26 0.92
CA LEU B 90 22.17 -2.96 0.99
C LEU B 90 21.42 -2.97 -0.33
N SER B 91 21.87 -2.21 -1.33
CA SER B 91 21.18 -2.08 -2.61
C SER B 91 21.78 -3.04 -3.63
N VAL B 92 20.94 -3.84 -4.27
CA VAL B 92 21.42 -4.83 -5.23
C VAL B 92 22.16 -4.16 -6.37
N SER B 93 21.74 -2.95 -6.76
CA SER B 93 22.37 -2.28 -7.90
C SER B 93 23.84 -1.95 -7.63
N SER B 94 24.24 -1.80 -6.37
CA SER B 94 25.64 -1.54 -6.08
C SER B 94 26.51 -2.78 -6.26
N ALA B 95 25.91 -3.95 -6.44
CA ALA B 95 26.63 -5.21 -6.70
C ALA B 95 27.62 -5.51 -5.58
N GLY B 96 27.26 -5.14 -4.34
CA GLY B 96 28.15 -5.27 -3.22
C GLY B 96 28.02 -6.61 -2.53
N PRO B 97 28.93 -6.91 -1.61
CA PRO B 97 28.92 -8.23 -0.98
C PRO B 97 27.70 -8.46 -0.09
N ILE B 98 27.09 -7.40 0.46
CA ILE B 98 25.95 -7.63 1.35
C ILE B 98 24.78 -8.20 0.56
N SER B 99 24.43 -7.56 -0.57
CA SER B 99 23.32 -8.04 -1.37
C SER B 99 23.67 -9.34 -2.09
N GLN B 100 24.95 -9.57 -2.41
CA GLN B 100 25.29 -10.78 -3.14
C GLN B 100 25.37 -12.01 -2.25
N PHE B 101 25.89 -11.86 -1.03
CA PHE B 101 26.19 -13.01 -0.21
C PHE B 101 25.53 -13.02 1.17
N ASN B 102 24.92 -11.92 1.61
CA ASN B 102 24.47 -11.85 3.01
C ASN B 102 22.96 -11.75 3.18
N TYR B 103 22.31 -10.81 2.48
CA TYR B 103 20.91 -10.50 2.75
C TYR B 103 20.29 -9.89 1.52
N LYS B 104 19.18 -10.47 1.08
CA LYS B 104 18.45 -9.97 -0.08
C LYS B 104 16.96 -10.09 0.20
N GLN B 105 16.22 -9.01 -0.03
CA GLN B 105 14.78 -9.05 0.16
C GLN B 105 14.07 -9.46 -1.13
N SER B 106 12.79 -9.80 -0.98
CA SER B 106 11.96 -10.11 -2.15
C SER B 106 11.99 -8.96 -3.15
N PHE B 107 12.08 -9.30 -4.44
CA PHE B 107 11.93 -8.26 -5.45
C PHE B 107 10.48 -8.11 -5.91
N SER B 108 9.60 -9.06 -5.56
CA SER B 108 8.20 -9.01 -5.96
C SER B 108 7.30 -8.38 -4.89
N ASN B 109 7.48 -8.74 -3.60
CA ASN B 109 6.62 -8.18 -2.56
C ASN B 109 7.12 -6.79 -2.16
N PRO B 110 6.22 -5.92 -1.69
CA PRO B 110 6.68 -4.62 -1.17
C PRO B 110 7.57 -4.82 0.05
N THR B 111 8.62 -4.01 0.15
CA THR B 111 9.62 -4.12 1.21
C THR B 111 10.02 -2.74 1.69
N CYS B 112 10.53 -2.67 2.91
CA CYS B 112 11.22 -1.48 3.37
C CYS B 112 12.52 -1.91 4.05
N LEU B 113 13.47 -0.98 4.09
CA LEU B 113 14.72 -1.16 4.83
C LEU B 113 14.92 0.05 5.72
N ILE B 114 15.17 -0.19 7.00
CA ILE B 114 15.34 0.87 7.99
C ILE B 114 16.71 0.70 8.62
N LEU B 115 17.49 1.77 8.64
CA LEU B 115 18.75 1.80 9.39
C LEU B 115 18.56 2.71 10.59
N ALA B 116 18.87 2.19 11.76
CA ALA B 116 18.59 2.86 13.02
C ALA B 116 19.77 2.74 13.97
N THR B 117 19.88 3.73 14.86
CA THR B 117 20.88 3.74 15.92
C THR B 117 20.17 3.50 17.25
N VAL B 118 20.77 2.64 18.07
CA VAL B 118 20.17 2.20 19.33
C VAL B 118 20.54 3.21 20.42
N PRO B 119 19.56 3.89 21.04
CA PRO B 119 19.88 4.83 22.12
C PRO B 119 20.53 4.13 23.31
N HIS B 120 21.30 4.91 24.07
CA HIS B 120 22.02 4.31 25.20
C HIS B 120 21.08 3.72 26.24
N ASN B 121 19.81 4.14 26.27
CA ASN B 121 18.87 3.63 27.27
C ASN B 121 18.50 2.18 27.04
N LEU B 122 18.54 1.72 25.79
CA LEU B 122 18.07 0.38 25.44
C LEU B 122 19.17 -0.66 25.68
N THR B 123 19.58 -0.78 26.95
CA THR B 123 20.69 -1.67 27.26
C THR B 123 20.33 -3.14 27.18
N THR B 124 19.05 -3.49 27.00
CA THR B 124 18.70 -4.89 26.78
C THR B 124 19.11 -5.36 25.38
N ILE B 125 19.37 -4.43 24.46
CA ILE B 125 19.97 -4.75 23.16
C ILE B 125 21.48 -4.69 23.40
N THR B 126 22.08 -5.84 23.67
CA THR B 126 23.49 -5.87 23.99
C THR B 126 24.33 -5.85 22.71
N LYS B 127 25.56 -5.33 22.81
CA LYS B 127 26.37 -5.10 21.61
C LYS B 127 27.24 -6.30 21.29
N PRO B 128 27.38 -6.66 20.01
CA PRO B 128 28.45 -7.59 19.62
C PRO B 128 29.79 -6.87 19.68
N LEU B 129 30.87 -7.67 19.59
CA LEU B 129 32.21 -7.09 19.68
C LEU B 129 32.56 -6.26 18.45
N LYS B 130 31.94 -6.54 17.32
CA LYS B 130 32.22 -5.88 16.05
C LYS B 130 31.05 -6.15 15.11
N TYR B 131 31.10 -5.57 13.91
CA TYR B 131 30.21 -5.94 12.83
C TYR B 131 30.95 -6.92 11.92
N SER B 132 30.25 -7.97 11.49
CA SER B 132 30.83 -8.97 10.59
C SER B 132 29.96 -9.13 9.36
N TYR B 133 30.59 -9.49 8.23
CA TYR B 133 29.81 -9.84 7.05
C TYR B 133 30.62 -10.76 6.15
N ILE B 134 29.93 -11.44 5.25
CA ILE B 134 30.59 -12.36 4.32
C ILE B 134 31.03 -11.56 3.11
N ASN B 135 32.33 -11.55 2.82
CA ASN B 135 32.77 -10.78 1.67
C ASN B 135 32.86 -11.60 0.40
N LYS B 136 32.76 -12.93 0.51
CA LYS B 136 32.88 -13.83 -0.63
C LYS B 136 32.22 -15.15 -0.28
N CYS B 137 31.41 -15.67 -1.20
CA CYS B 137 30.86 -17.03 -1.10
C CYS B 137 30.91 -17.61 -2.51
N SER B 138 31.72 -18.63 -2.70
CA SER B 138 32.01 -19.11 -4.04
C SER B 138 32.14 -20.62 -4.03
N ARG B 139 32.05 -21.20 -5.22
CA ARG B 139 32.18 -22.65 -5.36
C ARG B 139 33.24 -22.93 -6.42
N LEU B 140 34.20 -23.79 -6.08
CA LEU B 140 35.26 -24.20 -6.98
C LEU B 140 34.84 -25.48 -7.72
N LEU B 141 34.83 -25.43 -9.04
CA LEU B 141 34.35 -26.53 -9.86
C LEU B 141 35.41 -27.62 -9.96
N SER B 142 35.05 -28.73 -10.60
CA SER B 142 35.96 -29.88 -10.64
C SER B 142 37.20 -29.61 -11.48
N ASP B 143 37.15 -28.62 -12.36
CA ASP B 143 38.36 -28.26 -13.09
C ASP B 143 39.39 -27.58 -12.20
N ASP B 144 39.10 -27.41 -10.91
CA ASP B 144 39.99 -26.74 -9.95
C ASP B 144 40.41 -25.35 -10.42
N ARG B 145 39.64 -24.74 -11.33
CA ARG B 145 40.00 -23.43 -11.85
C ARG B 145 38.83 -22.44 -11.81
N THR B 146 37.66 -22.88 -12.28
CA THR B 146 36.51 -21.98 -12.39
C THR B 146 35.85 -21.81 -11.02
N GLU B 147 35.67 -20.56 -10.60
CA GLU B 147 34.98 -20.23 -9.35
C GLU B 147 33.62 -19.65 -9.71
N VAL B 148 32.57 -20.20 -9.11
CA VAL B 148 31.20 -19.75 -9.37
C VAL B 148 30.69 -19.06 -8.11
N PRO B 149 30.42 -17.75 -8.11
CA PRO B 149 29.85 -17.13 -6.91
C PRO B 149 28.54 -17.79 -6.52
N GLN B 150 28.34 -17.90 -5.21
CA GLN B 150 27.14 -18.52 -4.64
C GLN B 150 26.34 -17.40 -4.00
N LEU B 151 25.29 -16.96 -4.70
CA LEU B 151 24.52 -15.79 -4.30
C LEU B 151 23.38 -16.16 -3.37
N VAL B 152 23.09 -15.29 -2.43
CA VAL B 152 21.98 -15.53 -1.53
C VAL B 152 20.68 -15.28 -2.28
N ASN B 153 19.66 -16.09 -2.00
CA ASN B 153 18.32 -15.86 -2.52
C ASN B 153 17.53 -14.94 -1.61
N ALA B 154 16.54 -14.25 -2.18
CA ALA B 154 15.57 -13.55 -1.35
C ALA B 154 14.99 -14.49 -0.31
N ASN B 155 14.82 -13.98 0.91
CA ASN B 155 14.20 -14.70 2.02
C ASN B 155 14.99 -15.90 2.49
N GLN B 156 16.27 -16.01 2.13
CA GLN B 156 17.07 -17.19 2.47
C GLN B 156 18.42 -16.75 3.04
N TYR B 157 19.08 -17.69 3.70
CA TYR B 157 20.43 -17.50 4.20
C TYR B 157 21.44 -17.89 3.14
N SER B 158 22.63 -17.31 3.26
CA SER B 158 23.71 -17.59 2.33
C SER B 158 24.00 -19.09 2.27
N PRO B 159 24.35 -19.63 1.10
CA PRO B 159 24.84 -21.02 1.07
C PRO B 159 26.06 -21.23 1.92
N CYS B 160 26.73 -20.16 2.36
CA CYS B 160 27.94 -20.27 3.16
C CYS B 160 27.69 -20.12 4.66
N VAL B 161 26.43 -19.99 5.09
CA VAL B 161 26.22 -19.73 6.53
C VAL B 161 26.63 -20.91 7.38
N SER B 162 26.69 -22.12 6.82
CA SER B 162 27.11 -23.26 7.62
C SER B 162 28.62 -23.30 7.85
N ILE B 163 29.41 -22.52 7.12
CA ILE B 163 30.86 -22.52 7.31
C ILE B 163 31.42 -21.21 7.85
N VAL B 164 30.61 -20.16 7.96
CA VAL B 164 31.03 -18.88 8.52
C VAL B 164 30.51 -18.79 9.95
N PRO B 165 31.34 -18.44 10.93
CA PRO B 165 30.86 -18.36 12.32
C PRO B 165 29.96 -17.14 12.53
N SER B 166 29.26 -17.13 13.67
CA SER B 166 28.28 -16.08 13.92
C SER B 166 28.93 -14.71 14.08
N THR B 167 30.22 -14.69 14.39
CA THR B 167 31.02 -13.47 14.39
CA THR B 167 31.03 -13.47 14.41
C THR B 167 32.37 -13.81 13.78
N VAL B 168 32.82 -12.98 12.85
CA VAL B 168 34.12 -13.22 12.21
C VAL B 168 35.23 -12.87 13.18
N TRP B 169 36.17 -13.79 13.37
CA TRP B 169 37.21 -13.58 14.38
C TRP B 169 38.18 -12.49 13.96
N GLU B 170 38.68 -12.57 12.72
CA GLU B 170 39.66 -11.64 12.19
C GLU B 170 39.29 -11.29 10.75
N ASP B 171 39.27 -9.99 10.45
CA ASP B 171 39.06 -9.51 9.09
C ASP B 171 40.01 -10.24 8.13
N GLY B 172 39.44 -10.87 7.10
CA GLY B 172 40.22 -11.63 6.14
C GLY B 172 40.24 -13.14 6.37
N ASP B 173 39.64 -13.62 7.46
CA ASP B 173 39.53 -15.07 7.66
C ASP B 173 38.88 -15.74 6.46
N TYR B 174 39.31 -16.97 6.19
CA TYR B 174 38.83 -17.77 5.07
C TYR B 174 38.26 -19.08 5.61
N TYR B 175 37.27 -19.61 4.91
CA TYR B 175 36.57 -20.82 5.32
C TYR B 175 36.35 -21.68 4.09
N ARG B 176 36.64 -22.98 4.20
CA ARG B 176 36.40 -23.88 3.08
C ARG B 176 35.75 -25.16 3.58
N LYS B 177 34.96 -25.78 2.71
CA LYS B 177 34.33 -27.06 2.99
C LYS B 177 34.38 -27.92 1.74
N GLN B 178 34.85 -29.16 1.89
CA GLN B 178 34.84 -30.08 0.75
C GLN B 178 33.45 -30.67 0.59
N LEU B 179 32.90 -30.60 -0.62
CA LEU B 179 31.55 -31.07 -0.87
C LEU B 179 31.59 -32.50 -1.40
N SER B 180 30.57 -33.28 -1.04
CA SER B 180 30.43 -34.67 -1.44
C SER B 180 29.98 -34.77 -2.90
N PRO B 181 30.18 -35.93 -3.54
CA PRO B 181 29.67 -36.07 -4.92
C PRO B 181 28.16 -35.91 -5.01
N LEU B 182 27.44 -36.23 -3.93
CA LEU B 182 26.00 -35.97 -3.89
C LEU B 182 25.70 -34.48 -3.86
N GLU B 183 26.50 -33.71 -3.12
CA GLU B 183 26.40 -32.25 -3.10
C GLU B 183 26.91 -31.60 -4.37
N GLY B 184 27.40 -32.38 -5.33
CA GLY B 184 27.90 -31.85 -6.58
C GLY B 184 29.40 -31.66 -6.65
N GLY B 185 30.14 -32.06 -5.61
CA GLY B 185 31.59 -32.07 -5.69
C GLY B 185 32.20 -30.71 -5.46
N GLY B 186 33.53 -30.70 -5.44
CA GLY B 186 34.26 -29.45 -5.35
C GLY B 186 34.30 -28.91 -3.93
N TRP B 187 34.51 -27.59 -3.85
CA TRP B 187 34.75 -26.88 -2.59
C TRP B 187 33.84 -25.67 -2.50
N LEU B 188 33.28 -25.47 -1.31
CA LEU B 188 32.59 -24.22 -0.98
C LEU B 188 33.57 -23.32 -0.23
N VAL B 189 33.71 -22.08 -0.67
CA VAL B 189 34.75 -21.19 -0.16
C VAL B 189 34.12 -19.88 0.26
N ALA B 190 34.48 -19.40 1.45
CA ALA B 190 33.96 -18.12 1.91
C ALA B 190 35.06 -17.32 2.60
N SER B 191 34.83 -16.02 2.70
CA SER B 191 35.71 -15.15 3.46
C SER B 191 34.88 -14.14 4.23
N GLY B 192 35.39 -13.77 5.40
CA GLY B 192 34.69 -12.85 6.30
C GLY B 192 35.43 -11.54 6.44
N SER B 193 34.66 -10.46 6.67
CA SER B 193 35.20 -9.14 6.93
C SER B 193 34.60 -8.61 8.22
N THR B 194 35.29 -7.65 8.85
CA THR B 194 34.76 -7.01 10.06
C THR B 194 34.83 -5.50 9.91
N VAL B 195 33.95 -4.82 10.64
CA VAL B 195 33.93 -3.37 10.77
C VAL B 195 33.87 -3.04 12.26
N ALA B 196 34.65 -2.05 12.70
CA ALA B 196 34.73 -1.75 14.13
C ALA B 196 33.36 -1.36 14.69
N MET B 197 33.11 -1.79 15.92
CA MET B 197 31.86 -1.44 16.61
C MET B 197 31.79 0.08 16.82
N THR B 198 30.59 0.62 16.71
CA THR B 198 30.36 2.03 16.92
C THR B 198 29.95 2.31 18.37
N GLU B 199 30.05 3.58 18.77
CA GLU B 199 29.76 3.96 20.15
C GLU B 199 28.35 3.54 20.57
N GLN B 200 27.37 3.82 19.73
CA GLN B 200 26.04 3.23 19.84
C GLN B 200 25.87 2.18 18.76
N LEU B 201 25.25 1.06 19.12
CA LEU B 201 24.98 0.01 18.15
C LEU B 201 24.08 0.53 17.05
N GLN B 202 24.35 0.12 15.81
CA GLN B 202 23.53 0.43 14.66
C GLN B 202 22.93 -0.86 14.12
N MET B 203 21.69 -0.79 13.63
CA MET B 203 20.95 -1.97 13.22
C MET B 203 20.28 -1.74 11.88
N GLY B 204 19.94 -2.82 11.20
CA GLY B 204 19.03 -2.78 10.06
C GLY B 204 17.76 -3.56 10.39
N PHE B 205 16.63 -3.04 9.92
CA PHE B 205 15.34 -3.73 9.98
C PHE B 205 14.87 -3.88 8.54
N GLY B 206 14.55 -5.10 8.13
CA GLY B 206 13.98 -5.28 6.81
C GLY B 206 12.53 -5.71 6.94
N ILE B 207 11.59 -5.02 6.31
CA ILE B 207 10.19 -5.37 6.40
C ILE B 207 9.73 -5.85 5.05
N THR B 208 9.01 -6.97 5.02
CA THR B 208 8.36 -7.47 3.81
C THR B 208 6.89 -7.71 4.11
N VAL B 209 6.01 -7.24 3.24
CA VAL B 209 4.58 -7.44 3.44
C VAL B 209 3.99 -8.17 2.25
N GLN B 210 2.87 -8.86 2.49
CA GLN B 210 2.15 -9.57 1.46
C GLN B 210 0.67 -9.29 1.59
N TYR B 211 0.00 -9.13 0.46
CA TYR B 211 -1.44 -8.97 0.43
C TYR B 211 -2.09 -10.27 -0.03
N GLY B 212 -3.17 -10.68 0.64
CA GLY B 212 -3.97 -11.79 0.23
C GLY B 212 -5.33 -11.37 -0.29
N THR B 213 -6.24 -12.34 -0.34
CA THR B 213 -7.64 -12.09 -0.71
C THR B 213 -8.51 -12.39 0.52
N ASP B 214 -8.94 -11.33 1.20
CA ASP B 214 -9.76 -11.38 2.41
C ASP B 214 -9.03 -11.99 3.60
N THR B 215 -7.72 -12.22 3.50
CA THR B 215 -6.92 -12.68 4.63
C THR B 215 -6.02 -11.59 5.17
N ASN B 216 -6.34 -10.32 4.88
CA ASN B 216 -5.48 -9.20 5.30
C ASN B 216 -5.80 -8.86 6.74
N SER B 217 -5.30 -9.70 7.64
CA SER B 217 -5.59 -9.61 9.07
C SER B 217 -4.48 -8.96 9.89
N VAL B 218 -3.38 -8.55 9.28
CA VAL B 218 -2.36 -7.76 9.96
C VAL B 218 -2.64 -6.31 9.63
N CYS B 219 -3.29 -5.59 10.56
CA CYS B 219 -3.77 -4.24 10.34
C CYS B 219 -3.18 -3.26 11.34
N PRO B 220 -3.14 -1.98 10.99
CA PRO B 220 -2.65 -0.99 11.96
C PRO B 220 -3.57 -0.96 13.17
N LYS B 221 -2.96 -0.98 14.35
CA LYS B 221 -3.72 -0.84 15.58
C LYS B 221 -4.31 0.56 15.63
N LEU B 222 -5.62 0.65 15.77
CA LEU B 222 -6.30 1.94 15.78
C LEU B 222 -6.81 2.26 17.17
N SER C 1 10.49 -25.28 34.25
CA SER C 1 11.61 -24.54 34.79
C SER C 1 11.63 -23.17 34.17
N GLN C 2 11.39 -22.17 35.00
CA GLN C 2 11.42 -20.76 34.64
C GLN C 2 11.85 -20.05 35.90
N VAL C 3 12.30 -18.83 35.78
CA VAL C 3 12.79 -18.11 36.89
C VAL C 3 11.80 -17.94 38.01
N GLN C 4 12.31 -17.96 39.20
CA GLN C 4 11.54 -17.64 40.39
C GLN C 4 12.19 -16.44 41.08
N LEU C 5 11.35 -15.54 41.56
CA LEU C 5 11.78 -14.34 42.26
C LEU C 5 11.50 -14.47 43.75
N GLN C 6 12.42 -13.99 44.57
CA GLN C 6 12.20 -13.93 46.01
C GLN C 6 12.50 -12.52 46.51
N GLU C 7 11.50 -11.88 47.11
CA GLU C 7 11.69 -10.59 47.75
C GLU C 7 12.25 -10.80 49.15
N SER C 8 13.12 -9.90 49.59
CA SER C 8 13.59 -9.93 50.97
C SER C 8 13.85 -8.51 51.45
N GLY C 9 14.04 -8.38 52.76
CA GLY C 9 14.33 -7.08 53.34
C GLY C 9 13.13 -6.31 53.84
N GLY C 10 11.95 -6.91 53.86
CA GLY C 10 10.78 -6.23 54.38
C GLY C 10 10.78 -6.18 55.89
N GLY C 11 9.78 -5.54 56.45
CA GLY C 11 9.65 -5.47 57.89
C GLY C 11 8.95 -4.20 58.32
N SER C 12 9.06 -3.93 59.62
CA SER C 12 8.37 -2.83 60.27
C SER C 12 9.37 -1.76 60.67
N VAL C 13 9.08 -0.51 60.33
CA VAL C 13 9.92 0.62 60.70
C VAL C 13 9.02 1.78 61.10
N GLN C 14 9.64 2.81 61.64
CA GLN C 14 8.93 4.02 62.04
C GLN C 14 8.91 5.03 60.90
N ALA C 15 7.90 5.90 60.92
CA ALA C 15 7.82 7.00 59.96
C ALA C 15 9.14 7.76 59.91
N GLY C 16 9.61 8.02 58.70
CA GLY C 16 10.92 8.60 58.48
C GLY C 16 12.05 7.60 58.40
N GLY C 17 11.80 6.33 58.73
CA GLY C 17 12.83 5.32 58.68
C GLY C 17 13.15 4.87 57.26
N SER C 18 13.92 3.79 57.17
CA SER C 18 14.40 3.32 55.88
C SER C 18 14.50 1.80 55.86
N LEU C 19 14.36 1.24 54.66
CA LEU C 19 14.45 -0.18 54.40
C LEU C 19 14.99 -0.36 53.00
N THR C 20 15.74 -1.44 52.78
CA THR C 20 16.23 -1.78 51.44
C THR C 20 15.70 -3.17 51.09
N LEU C 21 14.86 -3.22 50.04
CA LEU C 21 14.32 -4.49 49.57
C LEU C 21 15.23 -5.06 48.49
N SER C 22 15.23 -6.40 48.38
CA SER C 22 15.96 -7.08 47.33
C SER C 22 15.06 -8.06 46.60
N CYS C 23 15.19 -8.08 45.28
CA CYS C 23 14.54 -9.05 44.42
C CYS C 23 15.65 -9.92 43.84
N THR C 24 15.71 -11.18 44.27
CA THR C 24 16.80 -12.08 43.92
C THR C 24 16.30 -13.10 42.90
N PHE C 25 17.03 -13.22 41.79
CA PHE C 25 16.69 -14.18 40.76
C PHE C 25 17.20 -15.56 41.13
N SER C 26 16.39 -16.58 40.83
CA SER C 26 16.77 -17.94 41.15
C SER C 26 17.84 -18.46 40.18
N SER C 27 18.45 -19.58 40.59
CA SER C 27 19.26 -20.45 39.71
C SER C 27 20.27 -19.59 38.96
N GLU C 28 20.37 -19.72 37.64
CA GLU C 28 21.29 -18.91 36.84
C GLU C 28 20.54 -17.91 35.96
N TYR C 29 19.28 -17.62 36.27
CA TYR C 29 18.52 -16.62 35.50
C TYR C 29 19.03 -15.22 35.79
N THR C 30 18.92 -14.35 34.78
CA THR C 30 19.26 -12.93 34.91
C THR C 30 18.18 -12.12 34.21
N PHE C 31 18.15 -10.82 34.47
CA PHE C 31 17.32 -9.93 33.67
C PHE C 31 18.16 -9.10 32.70
N THR C 32 19.32 -9.63 32.30
CA THR C 32 20.21 -8.91 31.40
C THR C 32 19.48 -8.41 30.15
N HIS C 33 18.60 -9.22 29.60
CA HIS C 33 17.88 -8.87 28.38
C HIS C 33 16.41 -8.57 28.64
N ASN C 34 16.07 -8.22 29.88
CA ASN C 34 14.70 -7.87 30.19
C ASN C 34 14.71 -6.78 31.26
N ALA C 35 13.84 -6.87 32.27
CA ALA C 35 13.75 -5.79 33.25
C ALA C 35 13.07 -6.30 34.51
N VAL C 36 13.18 -5.51 35.60
CA VAL C 36 12.51 -5.80 36.86
C VAL C 36 11.69 -4.58 37.25
N GLY C 37 10.45 -4.83 37.68
CA GLY C 37 9.61 -3.79 38.26
C GLY C 37 9.32 -4.12 39.71
N TRP C 38 9.39 -3.10 40.56
CA TRP C 38 8.97 -3.18 41.95
C TRP C 38 7.57 -2.59 42.04
N PHE C 39 6.67 -3.35 42.64
CA PHE C 39 5.26 -2.98 42.80
C PHE C 39 4.89 -3.05 44.28
N ARG C 40 3.77 -2.41 44.62
CA ARG C 40 3.26 -2.53 45.98
C ARG C 40 1.74 -2.47 45.97
N GLN C 41 1.13 -3.08 46.98
CA GLN C 41 -0.33 -3.00 47.16
C GLN C 41 -0.62 -2.64 48.61
N ALA C 42 -1.29 -1.51 48.80
CA ALA C 42 -1.74 -1.04 50.09
C ALA C 42 -3.22 -1.36 50.27
N PRO C 43 -3.70 -1.43 51.52
CA PRO C 43 -5.11 -1.74 51.74
C PRO C 43 -6.02 -0.78 50.99
N GLY C 44 -7.05 -1.33 50.37
CA GLY C 44 -8.02 -0.52 49.64
C GLY C 44 -7.53 0.05 48.34
N LYS C 45 -6.42 -0.47 47.79
CA LYS C 45 -5.88 0.08 46.55
C LYS C 45 -5.42 -1.06 45.66
N GLU C 46 -5.49 -0.83 44.35
CA GLU C 46 -4.94 -1.78 43.40
C GLU C 46 -3.41 -1.77 43.47
N ARG C 47 -2.81 -2.94 43.20
CA ARG C 47 -1.35 -3.01 43.15
C ARG C 47 -0.80 -1.99 42.15
N GLU C 48 0.28 -1.30 42.53
CA GLU C 48 0.77 -0.16 41.75
C GLU C 48 2.27 -0.22 41.56
N GLY C 49 2.72 0.22 40.39
CA GLY C 49 4.15 0.29 40.14
C GLY C 49 4.83 1.33 41.01
N VAL C 50 6.00 0.96 41.51
CA VAL C 50 6.84 1.83 42.34
C VAL C 50 8.07 2.31 41.57
N ALA C 51 8.82 1.38 40.98
CA ALA C 51 10.03 1.71 40.23
C ALA C 51 10.39 0.52 39.37
N ALA C 52 11.20 0.77 38.33
CA ALA C 52 11.63 -0.31 37.45
C ALA C 52 12.99 0.03 36.84
N ILE C 53 13.70 -1.02 36.43
CA ILE C 53 15.02 -0.87 35.82
C ILE C 53 15.23 -2.03 34.85
N ASN C 54 15.94 -1.77 33.76
CA ASN C 54 16.20 -2.83 32.79
C ASN C 54 17.58 -3.46 33.02
N GLY C 55 17.79 -4.62 32.40
CA GLY C 55 19.12 -5.17 32.34
C GLY C 55 20.09 -4.17 31.75
N GLY C 56 21.26 -4.07 32.37
CA GLY C 56 22.23 -3.07 31.96
C GLY C 56 22.00 -1.68 32.50
N GLY C 57 20.84 -1.38 33.07
CA GLY C 57 20.63 -0.13 33.76
C GLY C 57 20.48 1.11 32.91
N GLY C 58 20.24 0.97 31.60
CA GLY C 58 20.08 2.13 30.75
C GLY C 58 18.78 2.90 30.94
N SER C 59 17.74 2.24 31.46
CA SER C 59 16.43 2.85 31.62
C SER C 59 15.97 2.62 33.05
N THR C 60 15.58 3.69 33.74
CA THR C 60 15.09 3.62 35.12
C THR C 60 13.82 4.46 35.22
N TYR C 61 12.80 3.94 35.92
CA TYR C 61 11.54 4.65 36.08
C TYR C 61 11.10 4.65 37.54
N TYR C 62 10.40 5.72 37.94
CA TYR C 62 9.87 5.86 39.29
C TYR C 62 8.46 6.43 39.26
N ALA C 63 7.63 5.99 40.21
CA ALA C 63 6.35 6.66 40.42
C ALA C 63 6.58 8.03 41.07
N ASP C 64 5.73 8.99 40.73
CA ASP C 64 5.85 10.33 41.30
C ASP C 64 5.82 10.31 42.82
N SER C 65 5.01 9.39 43.40
CA SER C 65 4.83 9.32 44.84
C SER C 65 6.11 8.94 45.59
N VAL C 66 7.09 8.33 44.93
CA VAL C 66 8.31 7.90 45.58
C VAL C 66 9.55 8.57 45.02
N LYS C 67 9.41 9.42 44.01
CA LYS C 67 10.55 10.14 43.45
C LYS C 67 11.30 10.89 44.55
N ASP C 68 12.62 10.76 44.56
CA ASP C 68 13.56 11.41 45.47
C ASP C 68 13.60 10.74 46.84
N ARG C 69 12.75 9.75 47.12
CA ARG C 69 12.88 8.96 48.33
C ARG C 69 13.31 7.53 48.08
N PHE C 70 12.90 6.93 46.97
CA PHE C 70 13.26 5.56 46.63
C PHE C 70 14.32 5.57 45.52
N THR C 71 15.22 4.60 45.56
CA THR C 71 16.18 4.40 44.48
C THR C 71 16.18 2.92 44.11
N ILE C 72 16.07 2.63 42.82
CA ILE C 72 16.16 1.25 42.36
C ILE C 72 17.54 1.06 41.74
N SER C 73 18.17 -0.10 42.02
CA SER C 73 19.50 -0.38 41.52
C SER C 73 19.61 -1.84 41.12
N ARG C 74 20.71 -2.18 40.44
CA ARG C 74 20.98 -3.54 40.02
C ARG C 74 22.43 -3.88 40.34
N ASP C 75 22.71 -5.17 40.50
CA ASP C 75 24.08 -5.64 40.42
C ASP C 75 24.50 -5.73 38.95
N ASN C 76 25.81 -5.85 38.73
CA ASN C 76 26.31 -5.89 37.35
C ASN C 76 25.82 -7.12 36.60
N ALA C 77 25.67 -8.25 37.28
CA ALA C 77 25.19 -9.45 36.61
C ALA C 77 23.70 -9.44 36.31
N ASN C 78 22.95 -8.46 36.81
CA ASN C 78 21.50 -8.41 36.62
C ASN C 78 20.83 -9.64 37.22
N THR C 79 21.20 -9.96 38.47
CA THR C 79 20.54 -11.03 39.20
C THR C 79 19.85 -10.55 40.46
N VAL C 80 20.07 -9.31 40.88
CA VAL C 80 19.42 -8.75 42.06
C VAL C 80 19.02 -7.31 41.76
N ALA C 81 17.75 -6.98 41.97
CA ALA C 81 17.26 -5.61 41.84
C ALA C 81 16.91 -5.12 43.24
N SER C 82 17.53 -4.02 43.67
CA SER C 82 17.34 -3.51 45.02
C SER C 82 16.49 -2.24 45.01
N LEU C 83 15.70 -2.07 46.07
CA LEU C 83 14.90 -0.87 46.23
C LEU C 83 15.26 -0.26 47.58
N ILE C 84 15.99 0.85 47.55
CA ILE C 84 16.41 1.56 48.75
C ILE C 84 15.35 2.61 49.04
N MET C 85 14.66 2.46 50.18
CA MET C 85 13.55 3.32 50.54
C MET C 85 13.97 4.16 51.74
N LYS C 86 13.97 5.48 51.57
CA LYS C 86 14.33 6.40 52.64
C LYS C 86 13.15 7.30 52.95
N ASN C 87 13.18 7.88 54.16
CA ASN C 87 12.14 8.78 54.63
C ASN C 87 10.75 8.17 54.42
N LEU C 88 10.58 6.95 54.95
CA LEU C 88 9.36 6.20 54.72
C LEU C 88 8.17 6.84 55.43
N LYS C 89 7.01 6.79 54.79
CA LYS C 89 5.77 7.33 55.32
C LYS C 89 4.78 6.22 55.59
N PRO C 90 3.80 6.45 56.47
CA PRO C 90 2.76 5.42 56.69
C PRO C 90 2.10 4.96 55.41
N GLU C 91 1.82 5.87 54.47
CA GLU C 91 1.18 5.47 53.22
C GLU C 91 2.09 4.63 52.33
N ASP C 92 3.36 4.46 52.69
CA ASP C 92 4.23 3.53 51.99
C ASP C 92 4.00 2.08 52.42
N SER C 93 3.20 1.86 53.46
CA SER C 93 2.94 0.50 53.93
C SER C 93 2.21 -0.32 52.88
N GLY C 94 2.50 -1.62 52.85
CA GLY C 94 1.82 -2.53 51.96
C GLY C 94 2.71 -3.73 51.68
N ILE C 95 2.20 -4.61 50.82
CA ILE C 95 2.97 -5.78 50.37
C ILE C 95 3.70 -5.39 49.10
N TYR C 96 5.02 -5.52 49.10
CA TYR C 96 5.82 -5.16 47.94
C TYR C 96 6.17 -6.42 47.17
N TYR C 97 6.07 -6.34 45.84
CA TYR C 97 6.30 -7.46 44.95
C TYR C 97 7.28 -7.05 43.86
N CYS C 98 8.17 -7.95 43.48
CA CYS C 98 8.95 -7.70 42.28
C CYS C 98 8.49 -8.61 41.14
N ALA C 99 8.75 -8.15 39.92
CA ALA C 99 8.23 -8.81 38.72
C ALA C 99 9.24 -8.69 37.59
N THR C 100 9.21 -9.67 36.69
CA THR C 100 10.09 -9.65 35.52
C THR C 100 9.37 -10.35 34.37
N ASP C 101 10.12 -10.68 33.31
CA ASP C 101 9.56 -11.22 32.07
C ASP C 101 8.47 -10.29 31.53
N VAL C 102 8.88 -9.05 31.29
CA VAL C 102 7.98 -8.00 30.85
C VAL C 102 7.96 -7.93 29.32
N ARG C 103 6.87 -7.39 28.79
CA ARG C 103 6.72 -7.07 27.36
C ARG C 103 7.47 -5.75 27.11
N LEU C 104 8.69 -5.85 26.55
CA LEU C 104 9.62 -4.72 26.60
C LEU C 104 9.15 -3.53 25.76
N ILE C 105 8.53 -3.78 24.61
CA ILE C 105 8.16 -2.66 23.75
C ILE C 105 7.24 -1.70 24.51
N ASP C 106 6.26 -2.23 25.24
CA ASP C 106 5.37 -1.40 26.04
C ASP C 106 6.10 -0.81 27.25
N TRP C 107 7.00 -1.60 27.85
CA TRP C 107 7.73 -1.15 29.05
C TRP C 107 8.55 0.10 28.74
N TYR C 108 9.25 0.10 27.61
CA TYR C 108 10.04 1.25 27.16
C TYR C 108 9.19 2.42 26.69
N SER C 109 7.91 2.20 26.41
CA SER C 109 7.08 3.20 25.73
C SER C 109 6.14 3.94 26.66
N GLY C 110 6.40 3.93 27.95
CA GLY C 110 5.57 4.66 28.89
C GLY C 110 4.76 3.80 29.85
N ASP C 111 4.72 2.48 29.66
CA ASP C 111 3.84 1.62 30.44
C ASP C 111 4.60 0.74 31.43
N TRP C 112 5.78 1.19 31.90
CA TRP C 112 6.54 0.40 32.86
C TRP C 112 5.71 -0.01 34.07
N SER C 113 4.74 0.82 34.46
CA SER C 113 3.97 0.59 35.69
C SER C 113 2.76 -0.31 35.50
N LEU C 114 2.49 -0.81 34.29
CA LEU C 114 1.32 -1.68 34.10
C LEU C 114 1.67 -3.11 34.48
N ALA C 115 1.10 -3.60 35.59
CA ALA C 115 1.41 -4.94 36.06
C ALA C 115 1.12 -6.01 35.01
N ARG C 116 0.13 -5.80 34.15
CA ARG C 116 -0.25 -6.85 33.20
C ARG C 116 0.85 -7.18 32.20
N LEU C 117 1.83 -6.30 32.03
CA LEU C 117 2.92 -6.57 31.09
C LEU C 117 3.96 -7.53 31.62
N TYR C 118 3.94 -7.88 32.91
CA TYR C 118 4.94 -8.72 33.54
C TYR C 118 4.37 -10.12 33.76
N SER C 119 5.09 -11.15 33.26
CA SER C 119 4.63 -12.53 33.36
C SER C 119 5.04 -13.23 34.64
N THR C 120 6.10 -12.79 35.31
CA THR C 120 6.67 -13.55 36.43
C THR C 120 6.72 -12.67 37.66
N TRP C 121 6.22 -13.19 38.79
CA TRP C 121 6.05 -12.42 40.01
C TRP C 121 6.61 -13.16 41.22
N GLY C 122 7.20 -12.41 42.15
CA GLY C 122 7.51 -12.92 43.48
C GLY C 122 6.27 -12.97 44.34
N GLN C 123 6.38 -13.62 45.50
CA GLN C 123 5.22 -13.78 46.37
C GLN C 123 5.01 -12.61 47.32
N GLY C 124 5.96 -11.69 47.42
CA GLY C 124 5.73 -10.45 48.13
C GLY C 124 6.43 -10.43 49.49
N THR C 125 6.62 -9.23 50.01
CA THR C 125 7.13 -9.07 51.36
C THR C 125 6.43 -7.86 51.98
N GLN C 126 6.06 -8.00 53.25
CA GLN C 126 5.31 -6.95 53.94
C GLN C 126 6.25 -5.82 54.34
N VAL C 127 5.78 -4.58 54.11
CA VAL C 127 6.45 -3.39 54.59
C VAL C 127 5.44 -2.64 55.46
N THR C 128 5.79 -2.37 56.71
CA THR C 128 4.89 -1.69 57.64
C THR C 128 5.57 -0.46 58.21
N VAL C 129 5.05 0.72 57.89
CA VAL C 129 5.57 1.98 58.40
C VAL C 129 4.57 2.50 59.41
N SER C 130 4.99 2.57 60.67
CA SER C 130 4.05 2.80 61.77
C SER C 130 3.81 4.30 61.95
N SER C 131 2.54 4.66 62.10
CA SER C 131 2.13 6.05 62.28
C SER C 131 2.00 6.42 63.75
N VAL D 15 -6.62 19.91 -6.70
CA VAL D 15 -7.11 19.43 -8.00
C VAL D 15 -7.50 17.95 -7.90
N GLU D 16 -8.72 17.63 -8.29
CA GLU D 16 -9.19 16.25 -8.25
C GLU D 16 -8.87 15.56 -9.57
N CYS D 17 -8.20 14.40 -9.50
CA CYS D 17 -7.97 13.60 -10.70
C CYS D 17 -9.30 13.34 -11.38
N ASP D 18 -9.36 13.60 -12.68
CA ASP D 18 -10.60 13.53 -13.44
C ASP D 18 -10.63 12.22 -14.22
N PHE D 19 -11.49 11.29 -13.79
CA PHE D 19 -11.66 10.01 -14.45
C PHE D 19 -12.70 10.03 -15.57
N SER D 20 -13.25 11.21 -15.91
CA SER D 20 -14.30 11.35 -16.93
C SER D 20 -13.98 10.74 -18.30
N PRO D 21 -12.73 10.74 -18.78
CA PRO D 21 -12.47 10.14 -20.10
C PRO D 21 -12.98 8.71 -20.25
N LEU D 22 -12.97 7.90 -19.18
CA LEU D 22 -13.51 6.54 -19.28
C LEU D 22 -15.00 6.52 -19.59
N LEU D 23 -15.71 7.60 -19.26
CA LEU D 23 -17.16 7.64 -19.37
C LEU D 23 -17.65 8.19 -20.71
N SER D 24 -16.73 8.45 -21.64
CA SER D 24 -17.03 9.21 -22.86
C SER D 24 -16.36 8.53 -24.05
N GLY D 25 -17.15 8.00 -24.97
CA GLY D 25 -16.63 7.45 -26.21
C GLY D 25 -16.64 5.93 -26.22
N THR D 26 -16.07 5.39 -27.29
CA THR D 26 -16.03 3.93 -27.46
C THR D 26 -14.72 3.40 -26.90
N PRO D 27 -14.75 2.55 -25.89
CA PRO D 27 -13.50 2.02 -25.32
C PRO D 27 -12.79 1.15 -26.34
N PRO D 28 -11.48 1.31 -26.50
CA PRO D 28 -10.74 0.52 -27.49
C PRO D 28 -10.70 -0.95 -27.11
N GLN D 29 -10.26 -1.77 -28.05
CA GLN D 29 -10.06 -3.19 -27.76
C GLN D 29 -8.81 -3.37 -26.90
N VAL D 30 -8.67 -4.58 -26.34
CA VAL D 30 -7.68 -4.80 -25.27
C VAL D 30 -6.27 -4.51 -25.77
N TYR D 31 -5.96 -4.87 -27.03
CA TYR D 31 -4.62 -4.62 -27.54
C TYR D 31 -4.36 -3.16 -27.87
N ASN D 32 -5.40 -2.32 -27.88
CA ASN D 32 -5.25 -0.88 -28.06
C ASN D 32 -5.65 -0.13 -26.79
N PHE D 33 -5.36 -0.69 -25.62
CA PHE D 33 -5.84 -0.13 -24.36
C PHE D 33 -5.45 1.34 -24.25
N LYS D 34 -6.38 2.14 -23.74
CA LYS D 34 -6.16 3.57 -23.56
C LYS D 34 -5.53 3.77 -22.18
N ARG D 35 -4.41 4.48 -22.12
CA ARG D 35 -3.67 4.68 -20.87
C ARG D 35 -3.75 6.14 -20.45
N LEU D 36 -4.20 6.37 -19.21
CA LEU D 36 -4.23 7.70 -18.60
C LEU D 36 -3.25 7.75 -17.43
N VAL D 37 -2.41 8.78 -17.39
CA VAL D 37 -1.41 8.94 -16.33
C VAL D 37 -1.80 10.12 -15.47
N PHE D 38 -1.91 9.89 -14.16
CA PHE D 38 -2.28 10.94 -13.23
C PHE D 38 -1.11 11.27 -12.32
N THR D 39 -0.83 12.55 -12.16
CA THR D 39 0.15 13.06 -11.22
C THR D 39 -0.39 14.33 -10.58
N ASN D 40 0.09 14.61 -9.37
CA ASN D 40 -0.24 15.85 -8.65
CA ASN D 40 -0.23 15.85 -8.65
C ASN D 40 -1.73 16.13 -8.64
N CYS D 41 -2.50 15.16 -8.16
CA CYS D 41 -3.94 15.35 -8.05
C CYS D 41 -4.46 14.38 -7.01
N ASN D 42 -5.65 14.69 -6.48
CA ASN D 42 -6.31 13.86 -5.49
C ASN D 42 -7.42 13.04 -6.16
N TYR D 43 -7.51 11.76 -5.81
CA TYR D 43 -8.38 10.85 -6.55
C TYR D 43 -9.46 10.31 -5.64
N ASN D 44 -10.59 9.94 -6.24
CA ASN D 44 -11.68 9.28 -5.55
C ASN D 44 -12.03 8.05 -6.39
N LEU D 45 -11.42 6.92 -6.05
CA LEU D 45 -11.61 5.70 -6.83
C LEU D 45 -13.03 5.17 -6.70
N THR D 46 -13.62 5.29 -5.52
CA THR D 46 -14.98 4.77 -5.38
C THR D 46 -15.97 5.60 -6.19
N LYS D 47 -15.67 6.85 -6.50
CA LYS D 47 -16.57 7.62 -7.35
C LYS D 47 -16.64 7.00 -8.74
N LEU D 48 -15.50 6.58 -9.27
CA LEU D 48 -15.48 5.88 -10.55
C LEU D 48 -16.18 4.54 -10.46
N LEU D 49 -15.75 3.69 -9.53
CA LEU D 49 -16.21 2.30 -9.54
C LEU D 49 -17.69 2.18 -9.18
N SER D 50 -18.23 3.13 -8.40
CA SER D 50 -19.65 3.08 -8.05
CA SER D 50 -19.65 3.09 -8.06
C SER D 50 -20.54 3.25 -9.28
N LEU D 51 -20.02 3.79 -10.37
CA LEU D 51 -20.83 3.96 -11.57
C LEU D 51 -20.96 2.67 -12.38
N PHE D 52 -20.18 1.64 -12.06
CA PHE D 52 -20.18 0.39 -12.82
C PHE D 52 -20.67 -0.75 -11.96
N SER D 53 -20.98 -1.86 -12.63
CA SER D 53 -21.29 -3.11 -11.96
C SER D 53 -19.99 -3.93 -11.98
N VAL D 54 -19.30 -3.99 -10.85
CA VAL D 54 -17.97 -4.59 -10.80
C VAL D 54 -18.12 -6.10 -10.64
N ASN D 55 -17.56 -6.86 -11.59
CA ASN D 55 -17.64 -8.31 -11.58
C ASN D 55 -16.38 -8.98 -11.07
N ASP D 56 -15.23 -8.31 -11.12
CA ASP D 56 -13.99 -8.93 -10.65
C ASP D 56 -13.00 -7.82 -10.35
N PHE D 57 -12.17 -8.02 -9.32
CA PHE D 57 -11.31 -6.95 -8.82
C PHE D 57 -10.15 -7.64 -8.07
N THR D 58 -9.05 -7.85 -8.80
CA THR D 58 -7.90 -8.62 -8.34
C THR D 58 -6.66 -7.75 -8.43
N CYS D 59 -5.73 -7.94 -7.49
CA CYS D 59 -4.54 -7.10 -7.44
C CYS D 59 -3.30 -7.94 -7.21
N SER D 60 -2.16 -7.33 -7.53
CA SER D 60 -0.85 -7.93 -7.29
C SER D 60 -0.01 -6.94 -6.53
N GLN D 61 0.53 -7.38 -5.39
CA GLN D 61 1.38 -6.58 -4.51
C GLN D 61 0.67 -5.36 -3.92
N ILE D 62 -0.66 -5.41 -3.92
CA ILE D 62 -1.50 -4.41 -3.27
C ILE D 62 -2.86 -5.07 -3.15
N SER D 63 -3.83 -4.36 -2.58
CA SER D 63 -5.18 -4.88 -2.37
C SER D 63 -6.19 -3.84 -2.81
N PRO D 64 -7.45 -4.25 -3.00
CA PRO D 64 -8.49 -3.28 -3.33
C PRO D 64 -8.65 -2.19 -2.26
N ALA D 65 -8.54 -2.56 -0.98
CA ALA D 65 -8.63 -1.56 0.08
C ALA D 65 -7.46 -0.59 0.02
N ALA D 66 -6.24 -1.10 -0.21
CA ALA D 66 -5.07 -0.24 -0.20
C ALA D 66 -5.02 0.65 -1.44
N ILE D 67 -5.38 0.12 -2.60
CA ILE D 67 -5.19 0.93 -3.81
C ILE D 67 -6.08 2.17 -3.78
N ALA D 68 -7.19 2.11 -3.06
CA ALA D 68 -8.09 3.24 -2.94
C ALA D 68 -7.66 4.25 -1.87
N SER D 69 -6.63 3.95 -1.08
CA SER D 69 -6.35 4.75 0.10
C SER D 69 -4.89 5.17 0.27
N ASN D 70 -4.02 4.92 -0.70
CA ASN D 70 -2.61 5.25 -0.54
C ASN D 70 -2.24 6.48 -1.38
N CYS D 71 -1.12 7.09 -1.02
CA CYS D 71 -0.55 8.19 -1.80
C CYS D 71 0.56 7.65 -2.71
N TYR D 72 0.56 8.09 -3.97
CA TYR D 72 1.46 7.60 -5.01
C TYR D 72 2.19 8.77 -5.67
N SER D 73 3.34 8.47 -6.27
CA SER D 73 3.96 9.44 -7.16
C SER D 73 3.22 9.50 -8.50
N SER D 74 2.58 8.40 -8.91
CA SER D 74 1.75 8.43 -10.10
C SER D 74 0.77 7.26 -10.06
N LEU D 75 -0.40 7.47 -10.67
CA LEU D 75 -1.43 6.46 -10.83
C LEU D 75 -1.72 6.35 -12.32
N ILE D 76 -1.67 5.14 -12.84
CA ILE D 76 -1.85 4.88 -14.27
C ILE D 76 -3.09 4.01 -14.45
N LEU D 77 -4.04 4.49 -15.25
CA LEU D 77 -5.32 3.82 -15.43
C LEU D 77 -5.45 3.42 -16.90
N ASP D 78 -5.52 2.12 -17.15
CA ASP D 78 -5.77 1.60 -18.50
C ASP D 78 -7.22 1.14 -18.61
N TYR D 79 -7.81 1.30 -19.79
CA TYR D 79 -9.17 0.77 -19.95
C TYR D 79 -9.41 0.35 -21.39
N PHE D 80 -10.36 -0.58 -21.55
CA PHE D 80 -10.63 -1.22 -22.83
C PHE D 80 -11.93 -1.99 -22.72
N SER D 81 -12.52 -2.28 -23.89
CA SER D 81 -13.62 -3.23 -23.98
C SER D 81 -13.09 -4.64 -23.77
N TYR D 82 -13.82 -5.44 -22.99
CA TYR D 82 -13.37 -6.81 -22.72
C TYR D 82 -14.54 -7.65 -22.22
N PRO D 83 -14.84 -8.78 -22.85
CA PRO D 83 -16.00 -9.57 -22.43
C PRO D 83 -15.73 -10.35 -21.14
N LEU D 84 -16.72 -10.34 -20.26
CA LEU D 84 -16.61 -11.08 -19.00
C LEU D 84 -16.39 -12.57 -19.25
N SER D 85 -16.89 -13.09 -20.36
CA SER D 85 -16.69 -14.50 -20.70
C SER D 85 -15.23 -14.85 -20.95
N MET D 86 -14.33 -13.87 -21.09
CA MET D 86 -12.91 -14.15 -21.23
C MET D 86 -12.13 -13.92 -19.93
N LYS D 87 -12.81 -13.95 -18.79
CA LYS D 87 -12.10 -13.85 -17.52
C LYS D 87 -11.07 -14.96 -17.38
N SER D 88 -11.41 -16.18 -17.81
CA SER D 88 -10.45 -17.27 -17.67
C SER D 88 -9.25 -17.09 -18.59
N ASP D 89 -9.44 -16.43 -19.74
CA ASP D 89 -8.30 -16.11 -20.60
C ASP D 89 -7.35 -15.15 -19.92
N LEU D 90 -7.79 -14.41 -18.90
CA LEU D 90 -6.86 -13.68 -18.06
C LEU D 90 -6.16 -14.60 -17.08
N SER D 91 -6.90 -15.53 -16.48
CA SER D 91 -6.33 -16.40 -15.46
C SER D 91 -5.20 -17.27 -16.02
N VAL D 92 -5.28 -17.68 -17.28
CA VAL D 92 -4.22 -18.50 -17.84
C VAL D 92 -2.92 -17.73 -18.05
N SER D 93 -2.94 -16.40 -17.94
CA SER D 93 -1.75 -15.53 -17.99
C SER D 93 -0.98 -15.84 -19.29
N SER D 94 0.34 -16.01 -19.25
CA SER D 94 1.12 -16.17 -20.48
C SER D 94 0.95 -17.53 -21.13
N ALA D 95 0.09 -18.39 -20.60
CA ALA D 95 -0.30 -19.57 -21.36
C ALA D 95 -1.41 -19.28 -22.35
N GLY D 96 -1.94 -18.06 -22.39
CA GLY D 96 -3.01 -17.73 -23.31
C GLY D 96 -2.76 -16.45 -24.06
N PRO D 97 -3.61 -16.15 -25.05
CA PRO D 97 -3.28 -15.05 -25.99
C PRO D 97 -3.38 -13.64 -25.40
N ILE D 98 -4.14 -13.41 -24.33
CA ILE D 98 -4.29 -12.04 -23.82
C ILE D 98 -2.96 -11.55 -23.25
N SER D 99 -2.36 -12.31 -22.32
CA SER D 99 -1.07 -11.89 -21.77
C SER D 99 0.05 -12.04 -22.78
N GLN D 100 -0.07 -12.95 -23.75
CA GLN D 100 1.00 -13.14 -24.73
C GLN D 100 1.01 -12.00 -25.75
N PHE D 101 -0.15 -11.58 -26.23
CA PHE D 101 -0.21 -10.69 -27.39
C PHE D 101 -0.99 -9.40 -27.21
N ASN D 102 -1.65 -9.17 -26.06
CA ASN D 102 -2.55 -8.03 -25.99
C ASN D 102 -2.26 -7.07 -24.82
N TYR D 103 -2.19 -7.60 -23.60
CA TYR D 103 -2.15 -6.75 -22.42
C TYR D 103 -1.52 -7.55 -21.29
N LYS D 104 -0.43 -7.03 -20.72
CA LYS D 104 0.24 -7.71 -19.61
C LYS D 104 0.75 -6.64 -18.67
N GLN D 105 0.22 -6.62 -17.45
CA GLN D 105 0.52 -5.53 -16.56
C GLN D 105 1.93 -5.65 -15.97
N SER D 106 2.37 -4.54 -15.39
CA SER D 106 3.72 -4.40 -14.85
C SER D 106 4.06 -5.52 -13.88
N PHE D 107 5.29 -6.01 -13.97
CA PHE D 107 5.88 -6.88 -12.95
C PHE D 107 6.60 -6.07 -11.87
N SER D 108 6.81 -4.77 -12.08
CA SER D 108 7.68 -3.95 -11.26
C SER D 108 6.95 -3.08 -10.25
N ASN D 109 5.66 -2.85 -10.46
CA ASN D 109 4.86 -2.01 -9.58
C ASN D 109 3.57 -2.72 -9.22
N PRO D 110 2.97 -2.35 -8.09
CA PRO D 110 1.66 -2.92 -7.72
C PRO D 110 0.60 -2.61 -8.77
N THR D 111 -0.29 -3.57 -8.99
CA THR D 111 -1.31 -3.44 -10.03
C THR D 111 -2.63 -4.01 -9.54
N CYS D 112 -3.71 -3.55 -10.17
CA CYS D 112 -5.01 -4.19 -10.05
C CYS D 112 -5.63 -4.28 -11.45
N LEU D 113 -6.54 -5.25 -11.60
CA LEU D 113 -7.28 -5.46 -12.83
C LEU D 113 -8.74 -5.67 -12.47
N ILE D 114 -9.60 -4.84 -13.03
CA ILE D 114 -11.03 -4.83 -12.70
C ILE D 114 -11.81 -5.17 -13.96
N LEU D 115 -12.77 -6.07 -13.84
CA LEU D 115 -13.73 -6.35 -14.91
C LEU D 115 -15.08 -5.82 -14.47
N ALA D 116 -15.71 -5.00 -15.32
CA ALA D 116 -16.94 -4.31 -14.95
C ALA D 116 -17.90 -4.31 -16.12
N THR D 117 -19.18 -4.23 -15.79
CA THR D 117 -20.23 -4.10 -16.79
C THR D 117 -20.78 -2.67 -16.74
N VAL D 118 -20.98 -2.09 -17.92
CA VAL D 118 -21.52 -0.74 -18.09
C VAL D 118 -23.03 -0.73 -17.89
N PRO D 119 -23.55 -0.09 -16.84
CA PRO D 119 -25.01 -0.04 -16.67
C PRO D 119 -25.67 0.72 -17.80
N HIS D 120 -26.97 0.44 -18.00
CA HIS D 120 -27.69 1.04 -19.12
C HIS D 120 -27.68 2.56 -19.07
N ASN D 121 -27.54 3.14 -17.88
CA ASN D 121 -27.60 4.60 -17.75
C ASN D 121 -26.43 5.30 -18.41
N LEU D 122 -25.28 4.65 -18.52
CA LEU D 122 -24.06 5.30 -19.02
C LEU D 122 -23.99 5.23 -20.55
N THR D 123 -25.00 5.82 -21.19
CA THR D 123 -25.10 5.75 -22.64
C THR D 123 -24.04 6.58 -23.36
N THR D 124 -23.27 7.39 -22.63
CA THR D 124 -22.14 8.10 -23.21
C THR D 124 -20.96 7.18 -23.51
N ILE D 125 -20.92 6.00 -22.90
CA ILE D 125 -19.97 4.96 -23.30
C ILE D 125 -20.64 4.19 -24.43
N THR D 126 -20.12 4.33 -25.64
CA THR D 126 -20.73 3.70 -26.79
C THR D 126 -20.03 2.39 -27.13
N LYS D 127 -20.81 1.44 -27.65
CA LYS D 127 -20.32 0.08 -27.85
C LYS D 127 -19.62 -0.04 -29.19
N PRO D 128 -18.51 -0.79 -29.22
CA PRO D 128 -17.97 -1.22 -30.51
C PRO D 128 -18.86 -2.29 -31.13
N LEU D 129 -18.56 -2.63 -32.38
CA LEU D 129 -19.37 -3.61 -33.10
C LEU D 129 -19.25 -4.99 -32.46
N LYS D 130 -18.12 -5.28 -31.85
CA LYS D 130 -17.81 -6.59 -31.30
C LYS D 130 -16.58 -6.42 -30.41
N TYR D 131 -16.18 -7.49 -29.74
CA TYR D 131 -14.89 -7.54 -29.04
C TYR D 131 -13.88 -8.20 -29.96
N SER D 132 -12.64 -7.70 -29.94
CA SER D 132 -11.56 -8.26 -30.75
C SER D 132 -10.33 -8.44 -29.88
N TYR D 133 -9.50 -9.43 -30.23
CA TYR D 133 -8.19 -9.57 -29.60
C TYR D 133 -7.25 -10.27 -30.55
N ILE D 134 -5.95 -10.09 -30.30
CA ILE D 134 -4.90 -10.68 -31.13
C ILE D 134 -4.64 -12.10 -30.65
N ASN D 135 -4.68 -13.06 -31.57
CA ASN D 135 -4.45 -14.46 -31.17
C ASN D 135 -3.10 -14.99 -31.62
N LYS D 136 -2.35 -14.21 -32.39
CA LYS D 136 -1.04 -14.61 -32.88
C LYS D 136 -0.27 -13.36 -33.27
N CYS D 137 1.01 -13.33 -32.93
CA CYS D 137 1.91 -12.25 -33.36
C CYS D 137 3.28 -12.90 -33.50
N SER D 138 3.81 -12.98 -34.72
CA SER D 138 5.05 -13.72 -34.95
C SER D 138 5.88 -13.04 -36.02
N ARG D 139 7.18 -13.26 -35.95
CA ARG D 139 8.09 -12.90 -37.03
C ARG D 139 8.32 -14.14 -37.89
N LEU D 140 8.04 -14.02 -39.19
CA LEU D 140 8.36 -15.06 -40.17
C LEU D 140 9.70 -14.69 -40.76
N LEU D 141 10.73 -15.50 -40.50
CA LEU D 141 12.11 -15.10 -40.75
C LEU D 141 12.42 -15.10 -42.24
N SER D 142 13.57 -14.50 -42.59
CA SER D 142 13.92 -14.31 -43.99
C SER D 142 14.12 -15.64 -44.71
N ASP D 143 14.35 -16.73 -43.98
CA ASP D 143 14.38 -18.05 -44.60
C ASP D 143 12.99 -18.53 -45.03
N ASP D 144 11.97 -17.67 -44.90
CA ASP D 144 10.59 -18.00 -45.29
C ASP D 144 10.12 -19.32 -44.68
N ARG D 145 10.61 -19.65 -43.49
CA ARG D 145 10.32 -20.93 -42.86
C ARG D 145 9.87 -20.78 -41.42
N THR D 146 10.82 -20.49 -40.53
CA THR D 146 10.54 -20.51 -39.10
C THR D 146 9.79 -19.26 -38.67
N GLU D 147 8.79 -19.46 -37.79
CA GLU D 147 8.09 -18.38 -37.12
C GLU D 147 8.62 -18.24 -35.70
N VAL D 148 8.86 -17.01 -35.28
CA VAL D 148 9.30 -16.71 -33.93
C VAL D 148 8.22 -15.82 -33.31
N PRO D 149 7.45 -16.31 -32.34
CA PRO D 149 6.44 -15.46 -31.70
C PRO D 149 7.06 -14.21 -31.10
N GLN D 150 6.35 -13.09 -31.25
CA GLN D 150 6.74 -11.80 -30.71
C GLN D 150 5.69 -11.41 -29.69
N LEU D 151 6.06 -11.42 -28.42
CA LEU D 151 5.08 -11.26 -27.36
C LEU D 151 5.15 -9.85 -26.78
N VAL D 152 4.09 -9.49 -26.06
CA VAL D 152 4.04 -8.17 -25.45
C VAL D 152 4.89 -8.16 -24.18
N ASN D 153 5.61 -7.07 -23.96
CA ASN D 153 6.36 -6.88 -22.73
C ASN D 153 5.44 -6.29 -21.68
N ALA D 154 5.69 -6.61 -20.42
CA ALA D 154 4.90 -6.07 -19.33
C ALA D 154 4.84 -4.55 -19.45
N ASN D 155 3.64 -3.99 -19.31
CA ASN D 155 3.36 -2.55 -19.32
C ASN D 155 3.47 -1.91 -20.69
N GLN D 156 3.60 -2.68 -21.78
CA GLN D 156 3.76 -2.14 -23.12
C GLN D 156 2.67 -2.66 -24.07
N TYR D 157 2.66 -2.11 -25.29
CA TYR D 157 1.76 -2.54 -26.36
C TYR D 157 2.38 -3.67 -27.17
N SER D 158 1.50 -4.45 -27.80
CA SER D 158 1.92 -5.57 -28.63
C SER D 158 2.81 -5.08 -29.77
N PRO D 159 3.87 -5.82 -30.12
CA PRO D 159 4.63 -5.50 -31.33
C PRO D 159 3.81 -5.62 -32.61
N CYS D 160 2.58 -6.15 -32.57
CA CYS D 160 1.74 -6.25 -33.75
C CYS D 160 0.61 -5.21 -33.78
N VAL D 161 0.55 -4.27 -32.83
CA VAL D 161 -0.53 -3.28 -32.85
C VAL D 161 -0.53 -2.51 -34.16
N SER D 162 0.62 -2.37 -34.80
CA SER D 162 0.64 -1.58 -36.04
C SER D 162 0.02 -2.31 -37.22
N ILE D 163 -0.23 -3.62 -37.16
CA ILE D 163 -0.77 -4.33 -38.30
C ILE D 163 -2.14 -4.93 -38.05
N VAL D 164 -2.68 -4.81 -36.85
CA VAL D 164 -4.03 -5.29 -36.53
C VAL D 164 -4.97 -4.10 -36.50
N PRO D 165 -6.12 -4.15 -37.15
CA PRO D 165 -7.04 -3.00 -37.14
C PRO D 165 -7.64 -2.80 -35.76
N SER D 166 -8.14 -1.58 -35.53
CA SER D 166 -8.71 -1.25 -34.23
C SER D 166 -9.87 -2.16 -33.87
N THR D 167 -10.59 -2.66 -34.87
CA THR D 167 -11.55 -3.73 -34.65
C THR D 167 -11.35 -4.78 -35.73
N VAL D 168 -11.26 -6.05 -35.31
CA VAL D 168 -11.10 -7.15 -36.25
C VAL D 168 -12.39 -7.33 -37.04
N TRP D 169 -12.27 -7.40 -38.37
CA TRP D 169 -13.46 -7.43 -39.22
C TRP D 169 -14.17 -8.78 -39.13
N GLU D 170 -13.42 -9.87 -39.25
CA GLU D 170 -13.97 -11.23 -39.17
C GLU D 170 -13.03 -12.10 -38.36
N ASP D 171 -13.63 -12.93 -37.51
CA ASP D 171 -12.88 -13.89 -36.69
C ASP D 171 -11.92 -14.68 -37.57
N GLY D 172 -10.65 -14.72 -37.15
CA GLY D 172 -9.61 -15.46 -37.87
C GLY D 172 -8.91 -14.67 -38.96
N ASP D 173 -9.26 -13.41 -39.18
CA ASP D 173 -8.56 -12.58 -40.17
C ASP D 173 -7.06 -12.57 -39.86
N TYR D 174 -6.27 -12.54 -40.93
CA TYR D 174 -4.81 -12.70 -40.86
C TYR D 174 -4.15 -11.49 -41.50
N TYR D 175 -3.01 -11.06 -40.95
CA TYR D 175 -2.39 -9.81 -41.35
C TYR D 175 -0.89 -10.01 -41.51
N ARG D 176 -0.28 -9.26 -42.43
CA ARG D 176 1.17 -9.37 -42.50
C ARG D 176 1.77 -8.10 -43.10
N LYS D 177 3.04 -7.88 -42.77
CA LYS D 177 3.77 -6.68 -43.19
C LYS D 177 5.20 -7.08 -43.49
N GLN D 178 5.68 -6.75 -44.68
CA GLN D 178 7.05 -7.08 -45.02
C GLN D 178 8.02 -6.20 -44.24
N LEU D 179 9.07 -6.82 -43.70
CA LEU D 179 10.13 -6.07 -43.04
C LEU D 179 11.28 -5.83 -44.01
N SER D 180 11.97 -4.69 -43.83
CA SER D 180 13.04 -4.33 -44.76
C SER D 180 14.23 -5.28 -44.61
N PRO D 181 15.10 -5.33 -45.62
CA PRO D 181 16.36 -6.07 -45.43
C PRO D 181 17.17 -5.57 -44.25
N LEU D 182 17.20 -4.25 -44.03
CA LEU D 182 17.93 -3.73 -42.87
C LEU D 182 17.34 -4.26 -41.57
N GLU D 183 16.02 -4.45 -41.51
CA GLU D 183 15.36 -4.95 -40.32
C GLU D 183 15.51 -6.46 -40.15
N GLY D 184 16.19 -7.14 -41.07
CA GLY D 184 16.33 -8.58 -41.00
C GLY D 184 15.45 -9.34 -41.98
N GLY D 185 14.65 -8.66 -42.77
CA GLY D 185 13.88 -9.37 -43.76
C GLY D 185 12.71 -10.12 -43.15
N GLY D 186 12.10 -10.95 -43.99
CA GLY D 186 10.95 -11.68 -43.52
C GLY D 186 9.73 -10.80 -43.33
N TRP D 187 8.86 -11.21 -42.42
CA TRP D 187 7.54 -10.61 -42.27
C TRP D 187 7.15 -10.58 -40.80
N LEU D 188 6.32 -9.59 -40.46
CA LEU D 188 5.59 -9.59 -39.19
C LEU D 188 4.18 -10.03 -39.50
N VAL D 189 3.68 -11.02 -38.76
CA VAL D 189 2.40 -11.62 -39.09
C VAL D 189 1.58 -11.72 -37.82
N ALA D 190 0.25 -11.62 -38.00
CA ALA D 190 -0.65 -11.65 -36.86
C ALA D 190 -2.02 -12.15 -37.31
N SER D 191 -2.84 -12.52 -36.34
CA SER D 191 -4.21 -12.92 -36.62
CA SER D 191 -4.22 -12.85 -36.64
C SER D 191 -5.11 -12.40 -35.50
N GLY D 192 -6.37 -12.15 -35.82
CA GLY D 192 -7.32 -11.61 -34.86
C GLY D 192 -8.48 -12.56 -34.63
N SER D 193 -9.08 -12.46 -33.44
CA SER D 193 -10.27 -13.20 -33.05
C SER D 193 -11.34 -12.22 -32.60
N THR D 194 -12.59 -12.62 -32.70
CA THR D 194 -13.69 -11.77 -32.27
C THR D 194 -14.62 -12.53 -31.32
N VAL D 195 -15.30 -11.76 -30.50
CA VAL D 195 -16.35 -12.25 -29.61
C VAL D 195 -17.54 -11.32 -29.78
N ALA D 196 -18.74 -11.89 -29.87
CA ALA D 196 -19.93 -11.10 -30.16
C ALA D 196 -20.17 -10.07 -29.05
N MET D 197 -20.64 -8.90 -29.44
CA MET D 197 -20.96 -7.87 -28.47
C MET D 197 -22.10 -8.34 -27.56
N THR D 198 -22.04 -7.91 -26.29
CA THR D 198 -23.02 -8.23 -25.27
C THR D 198 -24.07 -7.11 -25.15
N GLU D 199 -25.21 -7.47 -24.54
CA GLU D 199 -26.31 -6.52 -24.38
C GLU D 199 -25.83 -5.23 -23.71
N GLN D 200 -25.11 -5.36 -22.60
CA GLN D 200 -24.40 -4.25 -21.99
C GLN D 200 -22.90 -4.41 -22.24
N LEU D 201 -22.23 -3.29 -22.53
CA LEU D 201 -20.78 -3.36 -22.75
C LEU D 201 -20.07 -3.81 -21.49
N GLN D 202 -19.04 -4.63 -21.66
CA GLN D 202 -18.18 -5.04 -20.57
C GLN D 202 -16.76 -4.55 -20.83
N MET D 203 -16.06 -4.20 -19.76
CA MET D 203 -14.80 -3.48 -19.84
C MET D 203 -13.79 -4.09 -18.87
N GLY D 204 -12.53 -3.79 -19.12
CA GLY D 204 -11.47 -3.99 -18.13
C GLY D 204 -10.84 -2.65 -17.79
N PHE D 205 -10.51 -2.48 -16.50
CA PHE D 205 -9.75 -1.33 -16.01
C PHE D 205 -8.47 -1.89 -15.39
N GLY D 206 -7.32 -1.41 -15.84
CA GLY D 206 -6.03 -1.77 -15.25
C GLY D 206 -5.45 -0.58 -14.51
N ILE D 207 -5.03 -0.80 -13.28
CA ILE D 207 -4.45 0.25 -12.45
C ILE D 207 -3.03 -0.16 -12.07
N THR D 208 -2.07 0.73 -12.32
CA THR D 208 -0.69 0.56 -11.89
C THR D 208 -0.31 1.78 -11.06
N VAL D 209 0.30 1.56 -9.90
CA VAL D 209 0.71 2.70 -9.07
C VAL D 209 2.21 2.65 -8.83
N GLN D 210 2.79 3.82 -8.62
CA GLN D 210 4.22 3.93 -8.38
C GLN D 210 4.41 4.75 -7.12
N TYR D 211 5.22 4.22 -6.20
CA TYR D 211 5.68 4.95 -5.02
C TYR D 211 7.09 5.41 -5.36
N GLY D 212 7.21 6.62 -5.88
CA GLY D 212 8.43 7.05 -6.52
C GLY D 212 9.28 8.00 -5.68
N THR D 213 10.47 8.29 -6.21
CA THR D 213 11.29 9.38 -5.68
C THR D 213 10.50 10.66 -5.62
N ASP D 214 9.92 11.05 -6.77
CA ASP D 214 8.96 12.14 -6.80
C ASP D 214 7.93 11.94 -5.69
N THR D 215 7.60 13.03 -5.01
CA THR D 215 6.73 12.95 -3.85
C THR D 215 5.45 12.21 -4.18
N ASN D 216 4.85 11.62 -3.16
CA ASN D 216 3.59 10.89 -3.34
C ASN D 216 2.44 11.89 -3.27
N SER D 217 2.28 12.62 -4.38
CA SER D 217 1.28 13.68 -4.50
C SER D 217 0.07 13.26 -5.33
N VAL D 218 -0.16 11.96 -5.49
CA VAL D 218 -1.45 11.44 -5.94
C VAL D 218 -2.07 10.78 -4.72
N CYS D 219 -2.98 11.49 -4.06
CA CYS D 219 -3.51 11.08 -2.77
C CYS D 219 -5.01 10.96 -2.81
N PRO D 220 -5.61 10.18 -1.91
CA PRO D 220 -7.06 10.06 -1.92
C PRO D 220 -7.70 11.38 -1.53
N LYS D 221 -8.83 11.68 -2.16
CA LYS D 221 -9.58 12.87 -1.79
C LYS D 221 -10.27 12.66 -0.45
N LEU D 222 -10.11 13.62 0.46
CA LEU D 222 -10.62 13.45 1.82
C LEU D 222 -11.88 14.27 2.09
C1 NAG E . 18.15 7.65 29.18
C2 NAG E . 17.54 7.96 30.54
C3 NAG E . 17.69 9.45 30.86
C4 NAG E . 19.16 9.86 30.72
C5 NAG E . 19.69 9.44 29.35
C6 NAG E . 21.16 9.71 29.16
C7 NAG E . 15.70 6.60 31.41
C8 NAG E . 14.24 6.27 31.31
N2 NAG E . 16.15 7.55 30.59
O3 NAG E . 17.21 9.72 32.16
O4 NAG E . 19.30 11.27 30.86
O5 NAG E . 19.51 8.03 29.17
O6 NAG E . 21.95 8.99 30.08
O7 NAG E . 16.45 6.00 32.19
C1 NAG E . 20.24 11.85 31.67
C2 NAG E . 20.22 13.37 31.47
C3 NAG E . 21.14 14.05 32.50
C4 NAG E . 20.78 13.60 33.91
C5 NAG E . 20.77 12.08 34.00
C6 NAG E . 20.29 11.57 35.34
C7 NAG E . 19.76 14.01 29.16
C8 NAG E . 20.35 14.36 27.82
N2 NAG E . 20.63 13.72 30.12
O3 NAG E . 20.99 15.45 32.38
O4 NAG E . 21.71 14.13 34.84
O5 NAG E . 19.89 11.54 33.02
O6 NAG E . 18.88 11.64 35.45
O7 NAG E . 18.54 13.99 29.34
C1 BMA E . 21.65 15.05 35.86
C2 BMA E . 22.37 14.31 37.01
C3 BMA E . 22.35 15.15 38.29
C4 BMA E . 22.79 16.61 38.01
C5 BMA E . 21.91 17.20 36.88
C6 BMA E . 22.28 18.63 36.54
O2 BMA E . 23.73 14.08 36.69
O3 BMA E . 23.15 14.59 39.31
O4 BMA E . 22.64 17.39 39.18
O5 BMA E . 22.10 16.39 35.71
O6 BMA E . 21.47 19.04 35.45
C1 MAN E . 16.09 10.48 31.93
C2 MAN E . 16.35 11.95 31.65
C3 MAN E . 16.83 12.61 32.93
C4 MAN E . 15.79 12.41 34.05
C5 MAN E . 15.42 10.91 34.21
C6 MAN E . 14.19 10.73 35.06
O2 MAN E . 15.15 12.63 31.27
O3 MAN E . 17.08 13.99 32.74
O4 MAN E . 16.31 12.89 35.27
O5 MAN E . 15.13 10.30 32.92
O6 MAN E . 13.17 11.58 34.51
C1 MAN E . 23.23 9.10 29.60
C2 MAN E . 23.91 7.73 29.79
C3 MAN E . 23.88 7.30 31.26
C4 MAN E . 24.37 8.44 32.18
C5 MAN E . 23.58 9.71 31.92
C6 MAN E . 24.05 10.91 32.73
O2 MAN E . 25.28 7.77 29.40
O3 MAN E . 24.65 6.12 31.49
O4 MAN E . 24.22 8.06 33.54
O5 MAN E . 23.70 10.06 30.52
O6 MAN E . 24.15 10.51 34.09
C1 NAG F . -31.24 4.80 -14.95
C2 NAG F . -32.29 5.84 -14.49
C3 NAG F . -33.42 5.27 -13.66
C4 NAG F . -34.00 4.01 -14.28
C5 NAG F . -32.89 3.05 -14.70
C6 NAG F . -33.46 1.92 -15.53
C7 NAG F . -31.40 8.08 -14.35
C8 NAG F . -30.55 9.05 -13.58
N2 NAG F . -31.58 6.90 -13.79
O3 NAG F . -34.34 6.36 -13.63
O4 NAG F . -34.89 3.33 -13.36
O5 NAG F . -31.90 3.69 -15.54
O6 NAG F . -33.59 2.42 -16.85
O7 NAG F . -31.88 8.37 -15.43
C1 NAG F . -36.14 2.96 -13.98
C2 NAG F . -37.00 2.05 -13.10
C3 NAG F . -38.33 1.74 -13.78
C4 NAG F . -39.02 3.02 -14.26
C5 NAG F . -38.05 3.85 -15.09
C6 NAG F . -38.62 5.18 -15.51
C7 NAG F . -35.26 0.75 -11.92
C8 NAG F . -34.65 -0.61 -11.74
N2 NAG F . -36.28 0.82 -12.79
O3 NAG F . -39.16 1.04 -12.88
O4 NAG F . -40.15 2.69 -15.05
O5 NAG F . -36.88 4.13 -14.32
O6 NAG F . -38.41 6.20 -14.54
O7 NAG F . -34.86 1.74 -11.31
C1 BMA F . -41.42 3.12 -14.77
C2 BMA F . -42.40 2.71 -15.91
C3 BMA F . -43.84 3.01 -15.49
C4 BMA F . -44.15 2.52 -14.05
C5 BMA F . -43.09 3.06 -13.07
C6 BMA F . -43.29 2.57 -11.65
O2 BMA F . -42.30 1.32 -16.17
O3 BMA F . -44.78 2.45 -16.41
O4 BMA F . -45.43 2.99 -13.66
O5 BMA F . -41.81 2.61 -13.51
O6 BMA F . -44.66 2.65 -11.33
C1 MAN F . -35.53 6.01 -12.93
C2 MAN F . -36.49 7.18 -12.90
C3 MAN F . -36.21 8.14 -11.76
C4 MAN F . -36.04 7.36 -10.47
C5 MAN F . -34.93 6.34 -10.64
C6 MAN F . -34.80 5.50 -9.38
O2 MAN F . -37.83 6.69 -12.77
O3 MAN F . -37.32 9.04 -11.64
O4 MAN F . -35.72 8.25 -9.39
O5 MAN F . -35.29 5.42 -11.66
O6 MAN F . -35.76 4.45 -9.50
C1 MAN F . -34.03 1.35 -17.70
C2 MAN F . -32.91 0.81 -18.64
C3 MAN F . -32.81 1.67 -19.92
C4 MAN F . -34.20 1.90 -20.55
C5 MAN F . -35.12 2.54 -19.50
C6 MAN F . -36.52 2.80 -20.01
O2 MAN F . -33.19 -0.52 -19.10
O3 MAN F . -31.91 1.10 -20.89
O4 MAN F . -34.10 2.76 -21.66
O5 MAN F . -35.24 1.64 -18.38
O6 MAN F . -37.21 3.57 -19.04
#